data_2GDD
#
_entry.id   2GDD
#
_cell.length_a   78.015
_cell.length_b   78.015
_cell.length_c   163.98
_cell.angle_alpha   90.0
_cell.angle_beta   90.0
_cell.angle_gamma   120.0
#
_symmetry.space_group_name_H-M   'P 31'
#
loop_
_entity.id
_entity.type
_entity.pdbx_description
1 polymer 'Tryptase beta-2'
2 non-polymer 'BENZYL {(1S)-5-AMINO-1-[(S)-HYDROXY(5-{[4-(4-PHENYLBUTANOYL)PIPERAZIN-1-YL]METHYL}-1,2,4-OXADIAZOL-3-YL)METHYL]PENTYL}CARBAMATE'
3 water water
#
_entity_poly.entity_id   1
_entity_poly.type   'polypeptide(L)'
_entity_poly.pdbx_seq_one_letter_code
;IVGGQEAPRSKWPWQVSLRVHGPYWMHFCGGSLIHPQWVLTAAHCVGPDVKDLAALRVQLREQHLYYQDQLLPVSRIIVH
PQFYTAQIGADIALLELEEPVKVSSHVHTVTLPPASETFPPGMPCWVTGWGDVDNDERLPPPFPLKQVKVPIMENHICDA
KYHLGAYTGDDVRIVRDDMLCAGNTRRDSCQGDSGGPLVCKVNGTWLQAGVVSWGEGCAQPNRPGIYTRVTYYLDWIHHY
VPKKP
;
_entity_poly.pdbx_strand_id   A,B,C,D
#
loop_
_chem_comp.id
_chem_comp.type
_chem_comp.name
_chem_comp.formula
5AM non-polymer 'BENZYL {(1S)-5-AMINO-1-[(S)-HYDROXY(5-{[4-(4-PHENYLBUTANOYL)PIPERAZIN-1-YL]METHYL}-1,2,4-OXADIAZOL-3-YL)METHYL]PENTYL}CARBAMATE' 'C31 H42 N6 O5'
#
# COMPACT_ATOMS: atom_id res chain seq x y z
N ILE A 1 6.33 -17.45 12.22
CA ILE A 1 5.91 -18.52 13.17
C ILE A 1 4.62 -18.15 13.89
N VAL A 2 3.58 -18.97 13.69
CA VAL A 2 2.30 -18.75 14.33
C VAL A 2 2.20 -19.53 15.64
N GLY A 3 1.81 -18.83 16.71
CA GLY A 3 1.66 -19.47 18.01
C GLY A 3 2.94 -19.93 18.69
N GLY A 4 4.04 -19.23 18.49
CA GLY A 4 5.25 -19.67 19.16
C GLY A 4 5.62 -18.84 20.36
N GLN A 5 6.91 -18.76 20.65
CA GLN A 5 7.43 -17.96 21.73
C GLN A 5 8.85 -17.61 21.27
N GLU A 6 9.45 -16.57 21.82
CA GLU A 6 10.80 -16.19 21.41
C GLU A 6 11.70 -17.36 21.78
N ALA A 7 12.63 -17.73 20.91
CA ALA A 7 13.51 -18.86 21.24
C ALA A 7 14.69 -18.48 22.12
N PRO A 8 15.09 -19.38 23.05
CA PRO A 8 16.25 -19.06 23.92
C PRO A 8 17.50 -18.92 23.04
N ARG A 9 18.43 -18.08 23.46
CA ARG A 9 19.66 -17.86 22.71
C ARG A 9 20.46 -19.14 22.44
N SER A 10 20.32 -20.11 23.33
CA SER A 10 21.06 -21.37 23.22
C SER A 10 20.44 -22.43 22.30
N LYS A 11 19.34 -22.08 21.63
CA LYS A 11 18.68 -23.04 20.75
C LYS A 11 18.67 -22.69 19.27
N TRP A 12 18.63 -23.73 18.44
CA TRP A 12 18.58 -23.59 16.99
C TRP A 12 19.85 -22.93 16.47
N PRO A 13 21.02 -23.51 16.79
CA PRO A 13 22.33 -22.98 16.36
C PRO A 13 22.50 -23.00 14.84
N TRP A 14 21.66 -23.77 14.16
CA TRP A 14 21.72 -23.90 12.71
C TRP A 14 20.85 -22.94 11.90
N GLN A 15 19.92 -22.26 12.56
CA GLN A 15 19.03 -21.34 11.87
C GLN A 15 19.80 -20.25 11.15
N VAL A 16 19.41 -19.98 9.92
CA VAL A 16 20.07 -18.90 9.19
C VAL A 16 18.99 -18.01 8.58
N SER A 17 19.43 -16.87 8.07
CA SER A 17 18.53 -15.92 7.44
C SER A 17 19.11 -15.56 6.09
N LEU A 18 18.27 -15.62 5.05
CA LEU A 18 18.73 -15.25 3.72
C LEU A 18 18.40 -13.78 3.50
N ARG A 19 19.34 -13.03 2.92
CA ARG A 19 19.15 -11.61 2.68
C ARG A 19 19.33 -11.25 1.20
N VAL A 20 18.48 -10.36 0.71
CA VAL A 20 18.55 -9.89 -0.66
C VAL A 20 18.94 -8.43 -0.63
N HIS A 21 19.78 -8.03 -1.58
CA HIS A 21 20.24 -6.65 -1.63
C HIS A 21 19.12 -5.69 -2.00
N GLY A 22 19.06 -4.59 -1.27
CA GLY A 22 18.05 -3.57 -1.52
C GLY A 22 18.39 -2.38 -0.63
N PRO A 23 17.40 -1.56 -0.24
CA PRO A 23 17.64 -0.40 0.62
C PRO A 23 18.50 -0.83 1.81
N TYR A 24 18.33 -2.09 2.20
CA TYR A 24 19.11 -2.72 3.26
C TYR A 24 18.99 -4.22 3.00
N TRP A 25 19.92 -5.01 3.53
CA TRP A 25 19.88 -6.46 3.34
C TRP A 25 18.70 -7.08 4.07
N MET A 26 17.56 -7.09 3.39
CA MET A 26 16.30 -7.61 3.90
C MET A 26 16.15 -9.13 3.90
N HIS A 27 15.61 -9.66 4.99
CA HIS A 27 15.37 -11.08 5.15
C HIS A 27 14.16 -11.50 4.31
N PHE A 28 14.31 -12.55 3.51
CA PHE A 28 13.19 -13.04 2.69
C PHE A 28 12.88 -14.52 2.95
N CYS A 29 13.86 -15.26 3.45
CA CYS A 29 13.67 -16.67 3.73
C CYS A 29 14.66 -17.15 4.78
N GLY A 30 14.36 -18.33 5.34
CA GLY A 30 15.23 -18.94 6.32
C GLY A 30 16.00 -20.05 5.63
N GLY A 31 16.81 -20.77 6.40
CA GLY A 31 17.60 -21.86 5.86
C GLY A 31 18.26 -22.53 7.05
N SER A 32 19.19 -23.46 6.80
CA SER A 32 19.87 -24.11 7.91
C SER A 32 21.28 -24.51 7.50
N LEU A 33 22.22 -24.38 8.42
CA LEU A 33 23.61 -24.75 8.14
C LEU A 33 23.71 -26.26 8.34
N ILE A 34 24.11 -26.97 7.30
CA ILE A 34 24.24 -28.42 7.37
C ILE A 34 25.69 -28.84 7.17
N HIS A 35 26.56 -27.86 6.97
CA HIS A 35 27.97 -28.11 6.75
C HIS A 35 28.61 -26.74 6.84
N PRO A 36 29.86 -26.66 7.35
CA PRO A 36 30.59 -25.40 7.48
C PRO A 36 30.49 -24.51 6.24
N GLN A 37 30.31 -25.11 5.06
CA GLN A 37 30.21 -24.33 3.84
C GLN A 37 28.88 -24.45 3.09
N TRP A 38 27.91 -25.13 3.67
CA TRP A 38 26.64 -25.29 2.99
C TRP A 38 25.39 -25.00 3.80
N VAL A 39 24.44 -24.36 3.14
CA VAL A 39 23.17 -24.00 3.73
C VAL A 39 22.05 -24.67 2.95
N LEU A 40 21.11 -25.28 3.66
CA LEU A 40 19.97 -25.94 3.04
C LEU A 40 18.76 -25.00 3.15
N THR A 41 18.05 -24.84 2.05
CA THR A 41 16.89 -23.97 2.04
C THR A 41 15.85 -24.48 1.05
N ALA A 42 14.78 -23.71 0.83
CA ALA A 42 13.76 -24.12 -0.11
C ALA A 42 14.11 -23.55 -1.48
N ALA A 43 13.86 -24.33 -2.52
CA ALA A 43 14.17 -23.89 -3.88
C ALA A 43 13.29 -22.71 -4.34
N HIS A 44 12.09 -22.54 -3.78
CA HIS A 44 11.27 -21.42 -4.23
C HIS A 44 11.79 -20.10 -3.67
N CYS A 45 12.68 -20.18 -2.69
CA CYS A 45 13.27 -18.98 -2.10
C CYS A 45 14.27 -18.36 -3.07
N VAL A 46 14.97 -19.20 -3.82
CA VAL A 46 15.99 -18.69 -4.74
C VAL A 46 15.79 -19.02 -6.22
N GLY A 47 14.71 -19.72 -6.54
CA GLY A 47 14.43 -20.07 -7.93
C GLY A 47 12.95 -19.96 -8.22
N PRO A 48 12.44 -20.55 -9.32
CA PRO A 48 13.15 -21.32 -10.33
C PRO A 48 14.08 -20.53 -11.24
N ASP A 49 13.95 -19.20 -11.27
CA ASP A 49 14.81 -18.41 -12.15
C ASP A 49 16.17 -18.12 -11.53
N VAL A 50 17.20 -18.07 -12.37
CA VAL A 50 18.55 -17.80 -11.90
C VAL A 50 18.64 -16.37 -11.43
N LYS A 51 19.28 -16.16 -10.29
CA LYS A 51 19.41 -14.83 -9.70
C LYS A 51 20.87 -14.37 -9.67
N ASP A 52 21.07 -13.10 -9.36
CA ASP A 52 22.40 -12.52 -9.27
C ASP A 52 22.96 -12.84 -7.89
N LEU A 53 23.89 -13.78 -7.83
CA LEU A 53 24.51 -14.17 -6.57
C LEU A 53 24.94 -12.98 -5.72
N ALA A 54 25.57 -11.99 -6.36
CA ALA A 54 26.05 -10.81 -5.64
C ALA A 54 24.98 -10.15 -4.77
N ALA A 55 23.73 -10.19 -5.22
CA ALA A 55 22.63 -9.57 -4.49
C ALA A 55 22.10 -10.47 -3.38
N LEU A 56 22.87 -11.48 -3.01
CA LEU A 56 22.45 -12.42 -1.99
C LEU A 56 23.46 -12.62 -0.88
N ARG A 57 22.96 -12.70 0.34
CA ARG A 57 23.83 -12.91 1.49
C ARG A 57 23.12 -13.75 2.54
N VAL A 58 23.93 -14.41 3.36
CA VAL A 58 23.40 -15.25 4.41
C VAL A 58 23.86 -14.74 5.77
N GLN A 59 22.93 -14.73 6.73
CA GLN A 59 23.21 -14.31 8.10
C GLN A 59 23.08 -15.53 9.02
N LEU A 60 24.13 -15.84 9.78
CA LEU A 60 24.09 -16.98 10.69
C LEU A 60 23.20 -16.65 11.87
N ARG A 61 22.91 -17.65 12.71
CA ARG A 61 22.00 -17.41 13.82
C ARG A 61 22.14 -16.04 14.44
N GLU A 62 21.00 -15.39 14.62
CA GLU A 62 20.91 -14.05 15.21
C GLU A 62 19.70 -14.11 16.14
N GLN A 63 19.84 -13.56 17.34
CA GLN A 63 18.71 -13.57 18.26
C GLN A 63 17.64 -12.61 17.76
N HIS A 64 18.08 -11.49 17.19
CA HIS A 64 17.16 -10.50 16.64
C HIS A 64 17.64 -10.08 15.25
N LEU A 65 16.76 -10.20 14.27
CA LEU A 65 17.12 -9.84 12.91
C LEU A 65 17.66 -8.42 12.77
N TYR A 66 18.72 -8.29 11.98
CA TYR A 66 19.32 -7.00 11.67
C TYR A 66 20.17 -6.37 12.77
N TYR A 67 19.99 -6.85 14.00
CA TYR A 67 20.70 -6.31 15.15
C TYR A 67 22.22 -6.45 15.10
N GLN A 68 22.71 -7.68 14.96
CA GLN A 68 24.15 -7.95 14.92
C GLN A 68 24.58 -8.58 13.60
N ASP A 69 24.21 -7.95 12.49
CA ASP A 69 24.53 -8.50 11.18
C ASP A 69 26.02 -8.66 10.83
N GLN A 70 26.34 -9.84 10.33
CA GLN A 70 27.69 -10.16 9.88
C GLN A 70 27.43 -11.03 8.65
N LEU A 71 26.98 -10.38 7.58
CA LEU A 71 26.64 -11.07 6.34
C LEU A 71 27.76 -11.83 5.63
N LEU A 72 27.41 -13.02 5.12
CA LEU A 72 28.36 -13.86 4.41
C LEU A 72 27.96 -14.04 2.95
N PRO A 73 28.90 -13.80 2.02
CA PRO A 73 28.61 -13.93 0.58
C PRO A 73 28.42 -15.39 0.15
N VAL A 74 27.72 -15.58 -0.97
CA VAL A 74 27.44 -16.90 -1.52
C VAL A 74 28.14 -17.09 -2.86
N SER A 75 28.83 -18.22 -3.00
CA SER A 75 29.53 -18.49 -4.27
C SER A 75 28.65 -19.26 -5.24
N ARG A 76 27.78 -20.12 -4.70
CA ARG A 76 26.95 -20.96 -5.56
C ARG A 76 25.51 -21.21 -5.06
N ILE A 77 24.58 -21.23 -6.01
CA ILE A 77 23.18 -21.50 -5.70
C ILE A 77 22.83 -22.77 -6.46
N ILE A 78 22.56 -23.85 -5.75
CA ILE A 78 22.23 -25.12 -6.41
C ILE A 78 20.79 -25.51 -6.10
N VAL A 79 19.94 -25.46 -7.12
CA VAL A 79 18.51 -25.78 -6.98
C VAL A 79 18.14 -27.12 -7.59
N HIS A 80 17.40 -27.94 -6.85
CA HIS A 80 17.01 -29.24 -7.38
C HIS A 80 16.42 -29.06 -8.76
N PRO A 81 17.00 -29.74 -9.76
CA PRO A 81 16.56 -29.67 -11.16
C PRO A 81 15.07 -30.01 -11.41
N GLN A 82 14.48 -30.79 -10.52
CA GLN A 82 13.08 -31.17 -10.68
C GLN A 82 12.09 -30.09 -10.25
N PHE A 83 12.60 -29.02 -9.64
CA PHE A 83 11.73 -27.95 -9.15
C PHE A 83 11.29 -26.88 -10.12
N TYR A 84 10.03 -26.47 -9.95
CA TYR A 84 9.45 -25.38 -10.72
C TYR A 84 8.53 -24.57 -9.80
N THR A 85 7.69 -25.25 -9.01
CA THR A 85 6.80 -24.58 -8.05
C THR A 85 6.77 -25.46 -6.80
N ALA A 86 6.40 -24.90 -5.67
CA ALA A 86 6.35 -25.65 -4.42
C ALA A 86 5.28 -26.72 -4.39
N GLN A 87 4.11 -26.43 -4.98
CA GLN A 87 3.01 -27.40 -4.98
C GLN A 87 3.38 -28.66 -5.75
N ILE A 88 4.13 -28.50 -6.84
CA ILE A 88 4.53 -29.64 -7.63
C ILE A 88 5.55 -30.47 -6.86
N GLY A 89 6.49 -29.82 -6.21
CA GLY A 89 7.47 -30.58 -5.43
C GLY A 89 8.94 -30.27 -5.65
N ALA A 90 9.81 -31.02 -4.97
CA ALA A 90 11.26 -30.85 -5.07
C ALA A 90 11.62 -29.43 -4.63
N ASP A 91 10.95 -28.96 -3.59
CA ASP A 91 11.21 -27.62 -3.11
C ASP A 91 12.40 -27.65 -2.17
N ILE A 92 13.59 -27.79 -2.75
CA ILE A 92 14.80 -27.84 -1.96
C ILE A 92 15.97 -27.26 -2.74
N ALA A 93 16.95 -26.73 -2.02
CA ALA A 93 18.13 -26.12 -2.64
C ALA A 93 19.31 -25.99 -1.69
N LEU A 94 20.47 -25.73 -2.28
CA LEU A 94 21.69 -25.59 -1.50
C LEU A 94 22.43 -24.31 -1.86
N LEU A 95 23.03 -23.71 -0.84
CA LEU A 95 23.81 -22.48 -0.99
C LEU A 95 25.23 -22.77 -0.52
N GLU A 96 26.22 -22.52 -1.37
CA GLU A 96 27.60 -22.74 -0.96
C GLU A 96 28.22 -21.40 -0.57
N LEU A 97 28.71 -21.32 0.66
CA LEU A 97 29.31 -20.08 1.15
C LEU A 97 30.68 -19.94 0.53
N GLU A 98 31.12 -18.70 0.36
CA GLU A 98 32.45 -18.46 -0.22
C GLU A 98 33.58 -18.94 0.70
N GLU A 99 33.34 -18.99 2.00
CA GLU A 99 34.34 -19.44 2.95
C GLU A 99 33.68 -20.32 3.98
N PRO A 100 34.42 -21.28 4.54
CA PRO A 100 33.82 -22.14 5.55
C PRO A 100 33.50 -21.30 6.77
N VAL A 101 32.58 -21.79 7.59
CA VAL A 101 32.19 -21.09 8.79
C VAL A 101 32.86 -21.79 9.96
N LYS A 102 33.12 -21.06 11.03
CA LYS A 102 33.73 -21.62 12.22
C LYS A 102 32.58 -21.97 13.16
N VAL A 103 32.44 -23.25 13.49
CA VAL A 103 31.33 -23.64 14.37
C VAL A 103 31.65 -23.53 15.84
N SER A 104 30.59 -23.49 16.64
CA SER A 104 30.70 -23.39 18.09
C SER A 104 29.36 -23.85 18.64
N SER A 105 29.22 -23.81 19.96
CA SER A 105 27.97 -24.24 20.58
C SER A 105 26.82 -23.28 20.29
N HIS A 106 27.14 -22.05 19.90
CA HIS A 106 26.10 -21.09 19.59
C HIS A 106 25.79 -21.07 18.10
N VAL A 107 26.72 -21.57 17.29
CA VAL A 107 26.51 -21.66 15.84
C VAL A 107 27.19 -22.90 15.26
N HIS A 108 26.38 -23.88 14.86
CA HIS A 108 26.89 -25.10 14.26
C HIS A 108 25.83 -25.73 13.33
N THR A 109 26.18 -26.85 12.69
CA THR A 109 25.28 -27.53 11.75
C THR A 109 24.19 -28.41 12.35
N VAL A 110 23.13 -28.65 11.57
CA VAL A 110 22.05 -29.51 12.00
C VAL A 110 22.32 -30.90 11.40
N THR A 111 21.83 -31.94 12.06
CA THR A 111 22.04 -33.29 11.57
C THR A 111 20.94 -33.71 10.62
N LEU A 112 21.32 -34.28 9.48
CA LEU A 112 20.34 -34.75 8.51
C LEU A 112 19.95 -36.14 8.94
N PRO A 113 18.70 -36.56 8.65
CA PRO A 113 18.20 -37.88 9.03
C PRO A 113 18.69 -39.01 8.14
N PRO A 114 18.66 -40.25 8.66
CA PRO A 114 19.09 -41.40 7.86
C PRO A 114 17.95 -41.60 6.85
N ALA A 115 18.27 -42.14 5.69
CA ALA A 115 17.28 -42.35 4.65
C ALA A 115 16.01 -43.09 5.06
N SER A 116 16.09 -43.83 6.16
CA SER A 116 14.95 -44.60 6.63
C SER A 116 14.03 -43.90 7.63
N GLU A 117 14.48 -42.76 8.18
CA GLU A 117 13.67 -42.05 9.17
C GLU A 117 12.30 -41.65 8.64
N THR A 118 11.26 -41.96 9.41
CA THR A 118 9.89 -41.67 8.98
C THR A 118 9.23 -40.46 9.65
N PHE A 119 9.57 -40.21 10.92
CA PHE A 119 8.98 -39.08 11.65
C PHE A 119 7.47 -39.30 11.70
N PRO A 120 7.03 -40.30 12.47
CA PRO A 120 5.61 -40.63 12.60
C PRO A 120 4.86 -39.66 13.50
N PRO A 121 3.54 -39.64 13.39
CA PRO A 121 2.73 -38.73 14.21
C PRO A 121 3.04 -39.01 15.68
N GLY A 122 3.14 -37.96 16.47
CA GLY A 122 3.43 -38.13 17.88
C GLY A 122 4.88 -37.84 18.16
N MET A 123 5.64 -37.55 17.10
CA MET A 123 7.06 -37.25 17.24
C MET A 123 7.21 -35.77 17.61
N PRO A 124 8.10 -35.46 18.55
CA PRO A 124 8.37 -34.09 19.01
C PRO A 124 9.13 -33.27 17.96
N CYS A 125 8.44 -32.37 17.26
CA CYS A 125 9.11 -31.56 16.24
C CYS A 125 8.87 -30.07 16.42
N TRP A 126 9.87 -29.27 16.07
CA TRP A 126 9.77 -27.81 16.17
C TRP A 126 10.14 -27.16 14.85
N VAL A 127 9.58 -25.98 14.61
CA VAL A 127 9.88 -25.21 13.41
C VAL A 127 10.29 -23.81 13.90
N THR A 128 11.22 -23.19 13.21
CA THR A 128 11.70 -21.88 13.63
C THR A 128 11.90 -20.88 12.50
N GLY A 129 11.89 -19.60 12.84
CA GLY A 129 12.06 -18.58 11.82
C GLY A 129 11.67 -17.19 12.27
N TRP A 130 11.75 -16.24 11.33
CA TRP A 130 11.40 -14.85 11.56
C TRP A 130 10.24 -14.45 10.66
N GLY A 131 9.35 -15.41 10.39
CA GLY A 131 8.22 -15.14 9.53
C GLY A 131 7.05 -14.48 10.25
N ASP A 132 5.96 -14.28 9.52
CA ASP A 132 4.77 -13.65 10.09
C ASP A 132 4.21 -14.42 11.29
N VAL A 133 3.64 -13.70 12.25
CA VAL A 133 3.06 -14.33 13.44
C VAL A 133 1.61 -14.71 13.14
N ASP A 134 1.19 -14.43 11.92
CA ASP A 134 -0.15 -14.75 11.48
C ASP A 134 -0.33 -14.29 10.05
N ASN A 135 -1.46 -14.68 9.45
CA ASN A 135 -1.76 -14.30 8.09
C ASN A 135 -1.73 -12.79 7.96
N ASP A 136 -0.82 -12.29 7.11
CA ASP A 136 -0.72 -10.86 6.85
C ASP A 136 -0.26 -10.04 8.06
N GLU A 137 0.37 -10.72 9.01
CA GLU A 137 0.85 -10.06 10.23
C GLU A 137 2.35 -10.30 10.41
N ARG A 138 3.17 -9.34 10.00
CA ARG A 138 4.61 -9.53 10.12
C ARG A 138 5.14 -9.52 11.56
N LEU A 139 6.27 -10.20 11.74
CA LEU A 139 6.92 -10.24 13.04
C LEU A 139 7.35 -8.81 13.31
N PRO A 140 6.86 -8.21 14.39
CA PRO A 140 7.23 -6.83 14.71
C PRO A 140 8.64 -6.74 15.27
N PRO A 141 9.28 -5.56 15.16
CA PRO A 141 10.64 -5.42 15.68
C PRO A 141 10.60 -5.65 17.20
N PRO A 142 11.76 -5.97 17.81
CA PRO A 142 13.09 -6.14 17.25
C PRO A 142 13.33 -7.47 16.53
N PHE A 143 12.26 -8.07 16.02
CA PHE A 143 12.34 -9.31 15.24
C PHE A 143 13.07 -10.46 15.92
N PRO A 144 12.46 -11.04 16.97
CA PRO A 144 13.09 -12.16 17.66
C PRO A 144 12.89 -13.46 16.91
N LEU A 145 13.87 -14.36 17.01
CA LEU A 145 13.75 -15.66 16.37
C LEU A 145 12.67 -16.42 17.16
N LYS A 146 11.68 -16.95 16.45
CA LYS A 146 10.63 -17.68 17.14
C LYS A 146 10.69 -19.18 16.91
N GLN A 147 10.03 -19.93 17.79
CA GLN A 147 9.99 -21.37 17.73
C GLN A 147 8.60 -21.83 18.12
N VAL A 148 8.12 -22.90 17.52
CA VAL A 148 6.82 -23.44 17.90
C VAL A 148 6.84 -24.94 17.67
N LYS A 149 6.26 -25.69 18.62
CA LYS A 149 6.22 -27.14 18.52
C LYS A 149 5.02 -27.48 17.64
N VAL A 150 5.25 -28.24 16.57
CA VAL A 150 4.16 -28.59 15.68
C VAL A 150 3.86 -30.07 15.65
N PRO A 151 2.58 -30.42 15.59
CA PRO A 151 2.15 -31.81 15.55
C PRO A 151 2.30 -32.35 14.12
N ILE A 152 3.04 -33.44 13.98
CA ILE A 152 3.22 -34.07 12.67
C ILE A 152 2.07 -35.04 12.42
N MET A 153 1.57 -35.06 11.18
CA MET A 153 0.46 -35.95 10.82
C MET A 153 0.85 -36.72 9.58
N GLU A 154 0.19 -37.84 9.33
CA GLU A 154 0.51 -38.64 8.15
C GLU A 154 0.13 -37.92 6.87
N ASN A 155 0.91 -38.14 5.83
CA ASN A 155 0.64 -37.50 4.55
C ASN A 155 -0.80 -37.72 4.08
N HIS A 156 -1.29 -38.96 4.11
CA HIS A 156 -2.65 -39.22 3.62
C HIS A 156 -3.73 -38.47 4.42
N ILE A 157 -3.43 -38.15 5.68
CA ILE A 157 -4.39 -37.43 6.51
C ILE A 157 -4.45 -35.96 6.06
N CYS A 158 -3.29 -35.36 5.86
CA CYS A 158 -3.25 -33.99 5.40
C CYS A 158 -3.80 -33.88 3.98
N ASP A 159 -3.47 -34.84 3.13
CA ASP A 159 -3.95 -34.80 1.76
C ASP A 159 -5.49 -34.77 1.77
N ALA A 160 -6.09 -35.52 2.68
CA ALA A 160 -7.55 -35.57 2.77
C ALA A 160 -8.09 -34.21 3.22
N LYS A 161 -7.41 -33.59 4.18
CA LYS A 161 -7.85 -32.29 4.66
C LYS A 161 -7.78 -31.24 3.56
N TYR A 162 -6.72 -31.27 2.75
CA TYR A 162 -6.62 -30.28 1.71
C TYR A 162 -7.76 -30.40 0.71
N HIS A 163 -8.33 -31.61 0.58
CA HIS A 163 -9.44 -31.80 -0.35
C HIS A 163 -10.77 -31.33 0.23
N LEU A 164 -10.84 -31.15 1.54
CA LEU A 164 -12.07 -30.69 2.16
C LEU A 164 -12.27 -29.23 1.83
N GLY A 165 -13.42 -28.93 1.25
CA GLY A 165 -13.73 -27.56 0.87
C GLY A 165 -13.06 -27.19 -0.43
N ALA A 166 -12.72 -28.20 -1.21
CA ALA A 166 -12.07 -27.96 -2.49
C ALA A 166 -12.75 -28.75 -3.60
N TYR A 167 -12.62 -28.25 -4.82
CA TYR A 167 -13.20 -28.88 -6.00
C TYR A 167 -12.29 -30.00 -6.49
N THR A 168 -11.00 -29.89 -6.17
CA THR A 168 -10.04 -30.90 -6.59
C THR A 168 -10.54 -32.30 -6.25
N GLY A 169 -10.47 -33.19 -7.23
CA GLY A 169 -10.91 -34.56 -7.03
C GLY A 169 -10.11 -35.29 -5.98
N ASP A 170 -10.79 -36.09 -5.17
CA ASP A 170 -10.20 -36.84 -4.08
C ASP A 170 -9.00 -37.67 -4.46
N ASP A 171 -8.98 -38.15 -5.71
CA ASP A 171 -7.86 -38.99 -6.12
C ASP A 171 -6.70 -38.22 -6.70
N VAL A 172 -6.85 -36.91 -6.80
CA VAL A 172 -5.78 -36.10 -7.33
C VAL A 172 -4.93 -35.67 -6.13
N ARG A 173 -3.72 -36.23 -6.03
CA ARG A 173 -2.80 -35.95 -4.92
C ARG A 173 -2.42 -34.49 -4.75
N ILE A 174 -2.62 -33.96 -3.55
CA ILE A 174 -2.24 -32.59 -3.27
C ILE A 174 -0.95 -32.62 -2.44
N VAL A 175 -1.00 -33.26 -1.28
CA VAL A 175 0.17 -33.41 -0.42
C VAL A 175 0.91 -34.59 -1.03
N ARG A 176 2.05 -34.34 -1.66
CA ARG A 176 2.78 -35.42 -2.32
C ARG A 176 3.75 -36.17 -1.43
N ASP A 177 4.30 -37.25 -1.95
CA ASP A 177 5.21 -38.12 -1.20
C ASP A 177 6.55 -37.52 -0.79
N ASP A 178 7.06 -36.56 -1.55
CA ASP A 178 8.32 -35.94 -1.20
C ASP A 178 8.01 -34.78 -0.24
N MET A 179 6.79 -34.77 0.29
CA MET A 179 6.39 -33.74 1.22
C MET A 179 6.10 -34.33 2.58
N LEU A 180 5.97 -33.45 3.58
CA LEU A 180 5.72 -33.83 4.96
C LEU A 180 4.85 -32.71 5.52
N CYS A 181 3.91 -33.02 6.39
CA CYS A 181 3.03 -31.99 6.90
C CYS A 181 2.93 -31.94 8.42
N ALA A 182 2.76 -30.73 8.94
CA ALA A 182 2.66 -30.52 10.38
C ALA A 182 1.94 -29.22 10.73
N GLY A 183 1.62 -29.07 12.01
CA GLY A 183 0.94 -27.88 12.48
C GLY A 183 -0.58 -28.00 12.55
N ASN A 184 -1.22 -27.01 13.15
CA ASN A 184 -2.67 -26.99 13.26
C ASN A 184 -3.14 -25.54 13.24
N THR A 185 -4.34 -25.29 13.77
CA THR A 185 -4.90 -23.94 13.76
C THR A 185 -4.30 -22.96 14.78
N ARG A 186 -3.36 -23.44 15.60
CA ARG A 186 -2.74 -22.58 16.60
C ARG A 186 -1.22 -22.56 16.44
N ARG A 187 -0.69 -23.58 15.78
CA ARG A 187 0.75 -23.70 15.59
C ARG A 187 1.07 -23.94 14.13
N ASP A 188 1.95 -23.12 13.56
CA ASP A 188 2.32 -23.28 12.15
C ASP A 188 3.42 -22.31 11.80
N SER A 189 4.02 -22.51 10.63
CA SER A 189 5.05 -21.62 10.13
C SER A 189 4.30 -20.72 9.17
N CYS A 190 4.88 -19.60 8.80
CA CYS A 190 4.19 -18.67 7.91
C CYS A 190 5.15 -17.93 6.95
N GLN A 191 4.60 -17.06 6.10
CA GLN A 191 5.42 -16.31 5.15
C GLN A 191 6.63 -15.69 5.83
N GLY A 192 7.79 -16.00 5.30
CA GLY A 192 9.03 -15.50 5.86
C GLY A 192 9.81 -16.63 6.49
N ASP A 193 9.13 -17.74 6.77
CA ASP A 193 9.78 -18.89 7.37
C ASP A 193 10.26 -19.89 6.31
N SER A 194 9.82 -19.68 5.07
CA SER A 194 10.20 -20.56 3.97
C SER A 194 11.68 -20.81 3.92
N GLY A 195 12.04 -22.07 3.71
CA GLY A 195 13.44 -22.46 3.65
C GLY A 195 14.00 -22.86 5.00
N GLY A 196 13.32 -22.40 6.05
CA GLY A 196 13.76 -22.72 7.40
C GLY A 196 13.66 -24.19 7.73
N PRO A 197 14.21 -24.62 8.87
CA PRO A 197 14.15 -26.03 9.24
C PRO A 197 12.98 -26.47 10.12
N LEU A 198 12.60 -27.74 9.96
CA LEU A 198 11.57 -28.38 10.78
C LEU A 198 12.44 -29.52 11.33
N VAL A 199 12.66 -29.52 12.65
CA VAL A 199 13.51 -30.51 13.28
C VAL A 199 12.81 -31.27 14.39
N CYS A 200 13.18 -32.53 14.57
CA CYS A 200 12.59 -33.37 15.60
C CYS A 200 13.71 -34.07 16.34
N LYS A 201 13.56 -34.23 17.66
CA LYS A 201 14.59 -34.91 18.41
C LYS A 201 14.26 -36.38 18.42
N VAL A 202 15.16 -37.16 17.83
CA VAL A 202 14.98 -38.60 17.74
C VAL A 202 16.16 -39.31 18.41
N ASN A 203 15.90 -39.84 19.60
CA ASN A 203 16.90 -40.53 20.41
C ASN A 203 18.04 -39.61 20.81
N GLY A 204 17.67 -38.46 21.37
CA GLY A 204 18.64 -37.49 21.84
C GLY A 204 19.38 -36.72 20.75
N THR A 205 19.03 -36.95 19.49
CA THR A 205 19.68 -36.24 18.40
C THR A 205 18.67 -35.46 17.56
N TRP A 206 18.99 -34.22 17.24
CA TRP A 206 18.08 -33.40 16.46
C TRP A 206 18.33 -33.65 14.98
N LEU A 207 17.27 -34.00 14.27
CA LEU A 207 17.35 -34.28 12.84
C LEU A 207 16.43 -33.35 12.06
N GLN A 208 16.92 -32.79 10.95
CA GLN A 208 16.05 -31.94 10.16
C GLN A 208 15.14 -32.82 9.30
N ALA A 209 13.87 -32.87 9.69
CA ALA A 209 12.86 -33.67 9.00
C ALA A 209 12.36 -32.96 7.74
N GLY A 210 12.25 -31.64 7.80
CA GLY A 210 11.77 -30.92 6.63
C GLY A 210 12.26 -29.50 6.45
N VAL A 211 11.82 -28.90 5.33
CA VAL A 211 12.14 -27.53 4.99
C VAL A 211 10.79 -26.84 4.77
N VAL A 212 10.56 -25.73 5.46
CA VAL A 212 9.31 -24.99 5.32
C VAL A 212 9.08 -24.74 3.84
N SER A 213 7.95 -25.23 3.32
CA SER A 213 7.69 -25.08 1.90
C SER A 213 6.49 -24.21 1.54
N TRP A 214 5.29 -24.69 1.83
CA TRP A 214 4.08 -23.95 1.52
C TRP A 214 2.88 -24.39 2.36
N GLY A 215 1.73 -23.83 2.04
CA GLY A 215 0.49 -24.15 2.73
C GLY A 215 -0.54 -23.14 2.28
N GLU A 216 -1.82 -23.40 2.50
CA GLU A 216 -2.83 -22.43 2.11
C GLU A 216 -2.97 -21.50 3.29
N GLY A 217 -2.35 -20.33 3.20
CA GLY A 217 -2.40 -19.41 4.32
C GLY A 217 -1.58 -20.00 5.45
N CYS A 218 -1.87 -19.62 6.68
CA CYS A 218 -1.14 -20.11 7.84
C CYS A 218 -2.11 -20.45 8.97
N ALA A 219 -1.89 -21.59 9.61
CA ALA A 219 -2.74 -21.99 10.71
C ALA A 219 -4.23 -21.93 10.36
N GLN A 220 -4.57 -22.26 9.13
CA GLN A 220 -5.97 -22.25 8.68
C GLN A 220 -6.63 -23.64 8.76
N PRO A 221 -7.93 -23.70 9.08
CA PRO A 221 -8.70 -24.94 9.18
C PRO A 221 -8.52 -25.88 8.00
N ASN A 222 -8.17 -27.14 8.30
CA ASN A 222 -7.98 -28.17 7.30
C ASN A 222 -6.89 -27.85 6.29
N ARG A 223 -5.93 -27.03 6.70
CA ARG A 223 -4.84 -26.64 5.82
C ARG A 223 -3.50 -26.62 6.58
N PRO A 224 -3.04 -27.79 7.04
CA PRO A 224 -1.78 -27.86 7.77
C PRO A 224 -0.60 -27.45 6.89
N GLY A 225 0.47 -26.98 7.53
CA GLY A 225 1.65 -26.56 6.79
C GLY A 225 2.31 -27.71 6.07
N ILE A 226 2.90 -27.42 4.92
CA ILE A 226 3.57 -28.44 4.13
C ILE A 226 5.08 -28.16 4.08
N TYR A 227 5.88 -29.21 4.25
CA TYR A 227 7.33 -29.08 4.24
C TYR A 227 7.95 -30.06 3.26
N THR A 228 9.11 -29.71 2.70
CA THR A 228 9.79 -30.62 1.78
C THR A 228 10.37 -31.71 2.69
N ARG A 229 10.17 -32.97 2.32
CA ARG A 229 10.67 -34.12 3.10
C ARG A 229 12.14 -34.36 2.78
N VAL A 230 13.01 -34.00 3.72
CA VAL A 230 14.46 -34.14 3.53
C VAL A 230 14.96 -35.55 3.18
N THR A 231 14.44 -36.58 3.85
CA THR A 231 14.90 -37.93 3.55
C THR A 231 14.78 -38.24 2.06
N TYR A 232 13.79 -37.63 1.42
CA TYR A 232 13.55 -37.87 0.00
C TYR A 232 14.62 -37.33 -0.93
N TYR A 233 15.41 -36.38 -0.48
CA TYR A 233 16.45 -35.80 -1.34
C TYR A 233 17.89 -35.97 -0.82
N LEU A 234 18.07 -36.86 0.17
CA LEU A 234 19.40 -37.11 0.73
C LEU A 234 20.46 -37.35 -0.35
N ASP A 235 20.17 -38.26 -1.28
CA ASP A 235 21.10 -38.57 -2.35
C ASP A 235 21.52 -37.30 -3.10
N TRP A 236 20.53 -36.51 -3.49
CA TRP A 236 20.81 -35.29 -4.23
C TRP A 236 21.73 -34.37 -3.42
N ILE A 237 21.43 -34.20 -2.14
CA ILE A 237 22.21 -33.34 -1.26
C ILE A 237 23.67 -33.81 -1.23
N HIS A 238 23.85 -35.11 -1.01
CA HIS A 238 25.17 -35.69 -0.95
C HIS A 238 25.97 -35.64 -2.24
N HIS A 239 25.34 -35.21 -3.33
CA HIS A 239 26.05 -35.09 -4.59
C HIS A 239 26.87 -33.80 -4.52
N TYR A 240 26.57 -32.98 -3.52
CA TYR A 240 27.24 -31.69 -3.34
C TYR A 240 27.84 -31.51 -1.94
N VAL A 241 27.10 -31.93 -0.93
CA VAL A 241 27.57 -31.77 0.44
C VAL A 241 28.21 -33.03 0.95
N PRO A 242 29.52 -32.97 1.23
CA PRO A 242 30.24 -34.14 1.74
C PRO A 242 29.61 -34.66 3.03
N LYS A 243 29.86 -35.94 3.33
CA LYS A 243 29.33 -36.59 4.53
C LYS A 243 29.93 -36.03 5.81
N ILE B 1 16.13 11.48 9.54
CA ILE B 1 17.30 12.38 9.33
C ILE B 1 17.89 12.20 7.93
N VAL B 2 17.88 13.27 7.13
CA VAL B 2 18.44 13.23 5.78
C VAL B 2 19.87 13.72 5.85
N GLY B 3 20.79 13.01 5.21
CA GLY B 3 22.20 13.39 5.29
C GLY B 3 22.69 12.91 6.65
N GLY B 4 23.90 13.26 7.04
CA GLY B 4 24.37 12.81 8.35
C GLY B 4 24.61 11.31 8.45
N GLN B 5 24.78 10.82 9.68
CA GLN B 5 25.06 9.41 9.89
C GLN B 5 24.66 8.91 11.29
N GLU B 6 24.91 7.63 11.56
CA GLU B 6 24.60 7.02 12.84
C GLU B 6 25.37 7.77 13.91
N ALA B 7 24.75 7.97 15.06
CA ALA B 7 25.39 8.70 16.13
C ALA B 7 26.18 7.82 17.10
N PRO B 8 27.37 8.29 17.51
CA PRO B 8 28.19 7.53 18.46
C PRO B 8 27.31 7.38 19.68
N ARG B 9 27.39 6.28 20.42
CA ARG B 9 26.49 6.12 21.57
C ARG B 9 26.73 7.05 22.75
N SER B 10 27.79 7.86 22.71
CA SER B 10 28.09 8.77 23.81
C SER B 10 27.58 10.18 23.51
N LYS B 11 26.86 10.32 22.40
CA LYS B 11 26.32 11.60 21.97
C LYS B 11 24.78 11.61 22.04
N TRP B 12 24.23 12.78 22.33
CA TRP B 12 22.79 12.96 22.41
C TRP B 12 22.12 12.17 23.53
N PRO B 13 22.66 12.23 24.75
CA PRO B 13 22.09 11.51 25.90
C PRO B 13 20.68 11.89 26.30
N TRP B 14 20.14 12.95 25.68
CA TRP B 14 18.80 13.43 26.01
C TRP B 14 17.72 13.02 25.00
N GLN B 15 18.15 12.44 23.87
CA GLN B 15 17.23 11.99 22.83
C GLN B 15 16.29 10.92 23.37
N VAL B 16 15.01 11.04 23.07
CA VAL B 16 14.06 10.04 23.53
C VAL B 16 13.14 9.70 22.36
N SER B 17 12.41 8.60 22.49
CA SER B 17 11.48 8.14 21.46
C SER B 17 10.08 7.97 22.04
N LEU B 18 9.08 8.52 21.37
CA LEU B 18 7.70 8.39 21.85
C LEU B 18 7.05 7.17 21.20
N ARG B 19 6.41 6.35 22.02
CA ARG B 19 5.78 5.12 21.53
C ARG B 19 4.27 5.10 21.71
N VAL B 20 3.57 4.51 20.76
CA VAL B 20 2.12 4.39 20.81
C VAL B 20 1.75 2.91 20.78
N HIS B 21 0.67 2.58 21.48
CA HIS B 21 0.20 1.20 21.59
C HIS B 21 -0.48 0.60 20.37
N GLY B 22 0.10 -0.48 19.86
CA GLY B 22 -0.45 -1.16 18.70
C GLY B 22 0.03 -2.60 18.79
N PRO B 23 0.29 -3.26 17.63
CA PRO B 23 0.75 -4.64 17.63
C PRO B 23 2.04 -4.69 18.45
N TYR B 24 2.71 -3.54 18.53
CA TYR B 24 3.93 -3.37 19.32
C TYR B 24 4.04 -1.87 19.64
N TRP B 25 4.92 -1.52 20.58
CA TRP B 25 5.06 -0.12 20.93
C TRP B 25 5.90 0.63 19.91
N MET B 26 5.19 1.15 18.92
CA MET B 26 5.78 1.87 17.79
C MET B 26 6.12 3.34 18.00
N HIS B 27 7.27 3.72 17.45
CA HIS B 27 7.79 5.07 17.49
C HIS B 27 6.96 5.96 16.56
N PHE B 28 6.51 7.12 17.05
CA PHE B 28 5.73 8.02 16.21
C PHE B 28 6.33 9.42 16.26
N CYS B 29 7.22 9.64 17.21
CA CYS B 29 7.86 10.94 17.36
C CYS B 29 9.08 10.90 18.28
N GLY B 30 9.87 11.95 18.21
CA GLY B 30 11.04 12.04 19.05
C GLY B 30 10.71 13.04 20.14
N GLY B 31 11.70 13.32 20.99
CA GLY B 31 11.55 14.26 22.08
C GLY B 31 12.93 14.47 22.68
N SER B 32 12.99 15.15 23.82
CA SER B 32 14.24 15.40 24.50
C SER B 32 13.99 15.47 26.00
N LEU B 33 14.91 14.95 26.79
CA LEU B 33 14.74 14.98 28.23
C LEU B 33 15.35 16.32 28.69
N ILE B 34 14.51 17.21 29.21
CA ILE B 34 14.98 18.52 29.65
C ILE B 34 14.99 18.63 31.17
N HIS B 35 14.49 17.61 31.82
CA HIS B 35 14.44 17.57 33.27
C HIS B 35 14.23 16.11 33.60
N PRO B 36 14.82 15.64 34.72
CA PRO B 36 14.69 14.24 35.14
C PRO B 36 13.29 13.66 34.99
N GLN B 37 12.28 14.51 35.06
CA GLN B 37 10.91 14.02 34.96
C GLN B 37 10.11 14.67 33.84
N TRP B 38 10.79 15.38 32.95
CA TRP B 38 10.09 16.02 31.87
C TRP B 38 10.68 15.85 30.47
N VAL B 39 9.79 15.55 29.53
CA VAL B 39 10.16 15.41 28.14
C VAL B 39 9.52 16.53 27.34
N LEU B 40 10.33 17.23 26.56
CA LEU B 40 9.86 18.32 25.72
C LEU B 40 9.65 17.74 24.31
N THR B 41 8.49 17.98 23.72
CA THR B 41 8.21 17.47 22.39
C THR B 41 7.31 18.40 21.57
N ALA B 42 6.88 17.94 20.39
CA ALA B 42 6.01 18.74 19.54
C ALA B 42 4.53 18.44 19.77
N ALA B 43 3.75 19.50 19.93
CA ALA B 43 2.31 19.37 20.18
C ALA B 43 1.61 18.55 19.11
N HIS B 44 1.97 18.76 17.84
CA HIS B 44 1.29 18.02 16.79
C HIS B 44 1.56 16.52 16.90
N CYS B 45 2.53 16.14 17.71
CA CYS B 45 2.82 14.72 17.93
C CYS B 45 1.77 14.11 18.85
N VAL B 46 1.21 14.93 19.75
CA VAL B 46 0.21 14.45 20.72
C VAL B 46 -1.08 15.25 20.76
N GLY B 47 -1.42 15.90 19.65
CA GLY B 47 -2.64 16.68 19.62
C GLY B 47 -2.90 17.15 18.21
N PRO B 48 -3.79 18.13 18.03
CA PRO B 48 -4.58 18.81 19.07
C PRO B 48 -5.63 17.99 19.84
N ASP B 49 -6.09 16.89 19.27
CA ASP B 49 -7.11 16.11 19.96
C ASP B 49 -6.56 15.40 21.18
N VAL B 50 -7.36 15.32 22.22
CA VAL B 50 -6.97 14.67 23.47
C VAL B 50 -6.64 13.19 23.26
N LYS B 51 -5.53 12.76 23.83
CA LYS B 51 -5.09 11.38 23.69
C LYS B 51 -5.30 10.57 24.99
N ASP B 52 -5.09 9.26 24.89
CA ASP B 52 -5.23 8.37 26.04
C ASP B 52 -3.84 8.05 26.57
N LEU B 53 -3.53 8.51 27.78
CA LEU B 53 -2.22 8.24 28.37
C LEU B 53 -1.82 6.77 28.36
N ALA B 54 -2.78 5.89 28.62
CA ALA B 54 -2.52 4.45 28.66
C ALA B 54 -1.79 3.97 27.41
N ALA B 55 -2.10 4.59 26.27
CA ALA B 55 -1.51 4.21 25.00
C ALA B 55 -0.18 4.89 24.70
N LEU B 56 0.36 5.65 25.64
CA LEU B 56 1.62 6.34 25.41
C LEU B 56 2.74 5.85 26.31
N ARG B 57 3.95 5.81 25.77
CA ARG B 57 5.13 5.40 26.52
C ARG B 57 6.30 6.18 25.97
N VAL B 58 7.32 6.33 26.82
CA VAL B 58 8.54 7.05 26.45
C VAL B 58 9.73 6.11 26.58
N GLN B 59 10.63 6.19 25.61
CA GLN B 59 11.82 5.36 25.57
C GLN B 59 13.02 6.28 25.59
N LEU B 60 13.88 6.12 26.58
CA LEU B 60 15.07 6.96 26.68
C LEU B 60 16.13 6.54 25.66
N ARG B 61 17.21 7.30 25.63
CA ARG B 61 18.33 7.10 24.70
C ARG B 61 18.61 5.63 24.35
N GLU B 62 18.37 5.30 23.08
CA GLU B 62 18.59 3.95 22.55
C GLU B 62 19.47 4.09 21.33
N GLN B 63 20.44 3.19 21.17
CA GLN B 63 21.32 3.23 20.00
C GLN B 63 20.53 2.75 18.78
N HIS B 64 19.74 1.69 18.97
CA HIS B 64 18.92 1.14 17.90
C HIS B 64 17.49 0.92 18.43
N LEU B 65 16.54 1.64 17.84
CA LEU B 65 15.14 1.54 18.24
C LEU B 65 14.63 0.11 18.36
N TYR B 66 13.80 -0.11 19.37
CA TYR B 66 13.16 -1.39 19.64
C TYR B 66 14.04 -2.51 20.20
N TYR B 67 15.36 -2.37 20.09
CA TYR B 67 16.23 -3.43 20.56
C TYR B 67 16.45 -3.55 22.06
N GLN B 68 16.66 -2.43 22.75
CA GLN B 68 16.84 -2.49 24.21
C GLN B 68 15.78 -1.66 24.92
N ASP B 69 14.53 -1.92 24.57
CA ASP B 69 13.39 -1.20 25.12
C ASP B 69 13.17 -1.30 26.63
N GLN B 70 12.87 -0.15 27.23
CA GLN B 70 12.54 -0.02 28.65
C GLN B 70 11.55 1.15 28.67
N LEU B 71 10.33 0.84 28.29
CA LEU B 71 9.25 1.81 28.20
C LEU B 71 8.79 2.40 29.53
N LEU B 72 8.74 3.72 29.56
CA LEU B 72 8.35 4.45 30.77
C LEU B 72 6.95 5.04 30.61
N PRO B 73 6.08 4.85 31.61
CA PRO B 73 4.74 5.40 31.51
C PRO B 73 4.76 6.93 31.57
N VAL B 74 3.67 7.56 31.14
CA VAL B 74 3.54 9.01 31.17
C VAL B 74 2.39 9.36 32.09
N SER B 75 2.59 10.33 32.97
CA SER B 75 1.54 10.72 33.91
C SER B 75 0.73 11.94 33.44
N ARG B 76 1.33 12.79 32.61
CA ARG B 76 0.64 13.98 32.09
C ARG B 76 1.12 14.39 30.70
N ILE B 77 0.19 14.88 29.89
CA ILE B 77 0.48 15.39 28.56
C ILE B 77 -0.03 16.84 28.55
N ILE B 78 0.89 17.80 28.55
CA ILE B 78 0.50 19.21 28.55
C ILE B 78 0.77 19.82 27.18
N VAL B 79 -0.29 20.08 26.43
CA VAL B 79 -0.18 20.67 25.11
C VAL B 79 -0.44 22.16 25.19
N HIS B 80 0.40 22.95 24.53
CA HIS B 80 0.23 24.39 24.58
C HIS B 80 -1.18 24.72 24.13
N PRO B 81 -1.93 25.49 24.93
CA PRO B 81 -3.31 25.90 24.64
C PRO B 81 -3.51 26.69 23.35
N GLN B 82 -2.45 27.29 22.83
CA GLN B 82 -2.60 28.07 21.60
C GLN B 82 -2.38 27.23 20.34
N PHE B 83 -1.96 25.98 20.54
CA PHE B 83 -1.72 25.07 19.41
C PHE B 83 -2.96 24.47 18.72
N TYR B 84 -2.90 24.39 17.40
CA TYR B 84 -3.93 23.77 16.61
C TYR B 84 -3.26 23.04 15.44
N THR B 85 -2.36 23.73 14.75
CA THR B 85 -1.62 23.10 13.64
C THR B 85 -0.20 23.65 13.67
N ALA B 86 0.73 22.86 13.15
CA ALA B 86 2.13 23.25 13.12
C ALA B 86 2.37 24.53 12.34
N GLN B 87 1.68 24.70 11.22
CA GLN B 87 1.88 25.91 10.40
C GLN B 87 1.41 27.17 11.10
N ILE B 88 0.44 27.02 12.00
CA ILE B 88 -0.08 28.18 12.73
C ILE B 88 0.91 28.54 13.81
N GLY B 89 1.46 27.55 14.50
CA GLY B 89 2.44 27.83 15.55
C GLY B 89 2.17 27.21 16.93
N ALA B 90 3.02 27.57 17.89
CA ALA B 90 2.93 27.07 19.27
C ALA B 90 3.00 25.55 19.30
N ASP B 91 3.70 24.96 18.33
CA ASP B 91 3.85 23.52 18.22
C ASP B 91 4.85 23.03 19.27
N ILE B 92 4.36 22.87 20.49
CA ILE B 92 5.23 22.45 21.58
C ILE B 92 4.39 21.85 22.68
N ALA B 93 4.94 20.84 23.37
CA ALA B 93 4.24 20.17 24.44
C ALA B 93 5.21 19.60 25.45
N LEU B 94 4.66 19.15 26.57
CA LEU B 94 5.45 18.57 27.64
C LEU B 94 4.86 17.25 28.09
N LEU B 95 5.73 16.27 28.31
CA LEU B 95 5.31 14.98 28.81
C LEU B 95 5.93 14.86 30.22
N GLU B 96 5.08 14.62 31.21
CA GLU B 96 5.59 14.48 32.58
C GLU B 96 5.67 12.99 32.87
N LEU B 97 6.88 12.49 33.07
CA LEU B 97 7.07 11.08 33.36
C LEU B 97 6.50 10.74 34.72
N GLU B 98 6.17 9.48 34.92
CA GLU B 98 5.61 9.06 36.18
C GLU B 98 6.68 8.94 37.25
N GLU B 99 7.93 8.93 36.83
CA GLU B 99 9.04 8.82 37.75
C GLU B 99 10.24 9.56 37.18
N PRO B 100 11.03 10.19 38.05
CA PRO B 100 12.20 10.90 37.52
C PRO B 100 13.18 9.82 37.08
N VAL B 101 14.04 10.12 36.11
CA VAL B 101 15.01 9.12 35.67
C VAL B 101 16.36 9.33 36.39
N LYS B 102 17.09 8.23 36.59
CA LYS B 102 18.38 8.29 37.25
C LYS B 102 19.39 8.71 36.19
N VAL B 103 19.58 10.01 36.02
CA VAL B 103 20.51 10.50 35.02
C VAL B 103 21.90 9.88 35.17
N SER B 104 22.60 9.77 34.04
CA SER B 104 23.95 9.20 34.00
C SER B 104 24.71 9.89 32.87
N SER B 105 25.96 9.51 32.64
CA SER B 105 26.71 10.15 31.57
C SER B 105 26.15 9.72 30.23
N HIS B 106 25.49 8.56 30.21
CA HIS B 106 24.92 8.03 28.97
C HIS B 106 23.52 8.57 28.68
N VAL B 107 22.75 8.84 29.72
CA VAL B 107 21.41 9.37 29.57
C VAL B 107 21.14 10.48 30.58
N HIS B 108 21.01 11.71 30.10
CA HIS B 108 20.72 12.85 30.97
C HIS B 108 20.10 14.02 30.20
N THR B 109 19.56 14.97 30.95
CA THR B 109 18.89 16.15 30.40
C THR B 109 19.73 17.03 29.47
N VAL B 110 19.05 17.83 28.66
CA VAL B 110 19.73 18.77 27.79
C VAL B 110 19.45 20.12 28.47
N THR B 111 20.25 21.14 28.16
CA THR B 111 20.02 22.44 28.77
C THR B 111 19.19 23.41 27.92
N LEU B 112 18.21 24.05 28.53
CA LEU B 112 17.39 25.01 27.82
C LEU B 112 18.21 26.29 27.69
N PRO B 113 18.00 27.05 26.61
CA PRO B 113 18.79 28.28 26.47
C PRO B 113 18.20 29.41 27.31
N PRO B 114 19.01 30.43 27.59
CA PRO B 114 18.50 31.57 28.37
C PRO B 114 17.61 32.42 27.45
N ALA B 115 16.59 33.04 28.03
CA ALA B 115 15.64 33.88 27.28
C ALA B 115 16.33 34.89 26.37
N SER B 116 17.61 35.14 26.61
CA SER B 116 18.36 36.10 25.80
C SER B 116 19.00 35.44 24.58
N GLU B 117 19.47 34.22 24.74
CA GLU B 117 20.12 33.50 23.65
C GLU B 117 19.33 33.64 22.35
N THR B 118 20.05 33.90 21.25
CA THR B 118 19.41 34.08 19.96
C THR B 118 19.80 33.04 18.89
N PHE B 119 21.00 32.50 18.99
CA PHE B 119 21.49 31.51 18.03
C PHE B 119 21.54 32.18 16.67
N PRO B 120 22.67 32.82 16.37
CA PRO B 120 22.88 33.53 15.10
C PRO B 120 22.88 32.64 13.85
N PRO B 121 22.42 33.19 12.73
CA PRO B 121 22.37 32.46 11.45
C PRO B 121 23.76 31.97 11.03
N GLY B 122 23.85 30.71 10.63
CA GLY B 122 25.13 30.15 10.24
C GLY B 122 25.81 29.63 11.49
N MET B 123 25.00 29.08 12.39
CA MET B 123 25.44 28.54 13.66
C MET B 123 25.55 27.01 13.59
N PRO B 124 26.62 26.44 14.16
CA PRO B 124 26.75 24.98 14.10
C PRO B 124 25.71 24.31 15.02
N CYS B 125 24.69 23.71 14.43
CA CYS B 125 23.68 23.02 15.22
C CYS B 125 23.42 21.62 14.68
N TRP B 126 22.96 20.72 15.54
CA TRP B 126 22.69 19.34 15.16
C TRP B 126 21.27 18.92 15.54
N VAL B 127 20.66 18.12 14.67
CA VAL B 127 19.33 17.62 14.95
C VAL B 127 19.49 16.10 14.90
N THR B 128 18.73 15.39 15.72
CA THR B 128 18.86 13.94 15.77
C THR B 128 17.53 13.16 15.84
N GLY B 129 17.55 11.91 15.39
CA GLY B 129 16.35 11.11 15.45
C GLY B 129 16.35 9.86 14.60
N TRP B 130 15.22 9.16 14.63
CA TRP B 130 15.03 7.92 13.89
C TRP B 130 14.11 8.12 12.69
N GLY B 131 13.82 9.37 12.37
CA GLY B 131 12.96 9.65 11.24
C GLY B 131 13.50 9.20 9.90
N ASP B 132 12.68 9.37 8.86
CA ASP B 132 13.04 9.01 7.49
C ASP B 132 14.40 9.55 7.04
N VAL B 133 15.11 8.76 6.25
CA VAL B 133 16.41 9.14 5.73
C VAL B 133 16.22 9.95 4.44
N ASP B 134 14.96 10.13 4.06
CA ASP B 134 14.62 10.92 2.88
C ASP B 134 13.13 10.86 2.63
N ASN B 135 12.63 11.75 1.78
CA ASN B 135 11.21 11.79 1.47
C ASN B 135 10.63 10.42 1.12
N ASP B 136 9.72 9.95 1.96
CA ASP B 136 9.08 8.65 1.75
C ASP B 136 10.09 7.50 1.82
N GLU B 137 11.14 7.67 2.62
CA GLU B 137 12.18 6.65 2.73
C GLU B 137 12.47 6.37 4.20
N ARG B 138 11.85 5.32 4.72
CA ARG B 138 12.02 4.89 6.11
C ARG B 138 13.46 4.65 6.52
N LEU B 139 13.70 4.71 7.83
CA LEU B 139 15.03 4.43 8.37
C LEU B 139 14.98 2.91 8.42
N PRO B 140 15.94 2.24 7.75
CA PRO B 140 15.91 0.78 7.77
C PRO B 140 16.42 0.16 9.06
N PRO B 141 16.00 -1.09 9.35
CA PRO B 141 16.49 -1.73 10.57
C PRO B 141 18.00 -1.83 10.40
N PRO B 142 18.76 -1.95 11.50
CA PRO B 142 18.35 -1.99 12.89
C PRO B 142 17.92 -0.67 13.54
N PHE B 143 17.53 0.33 12.74
CA PHE B 143 17.05 1.61 13.24
C PHE B 143 18.02 2.37 14.16
N PRO B 144 19.18 2.74 13.63
CA PRO B 144 20.16 3.48 14.44
C PRO B 144 19.77 4.94 14.60
N LEU B 145 20.12 5.54 15.74
CA LEU B 145 19.81 6.94 15.96
C LEU B 145 20.74 7.72 15.03
N LYS B 146 20.18 8.64 14.27
CA LYS B 146 20.98 9.42 13.33
C LYS B 146 21.16 10.85 13.80
N GLN B 147 22.14 11.52 13.21
CA GLN B 147 22.45 12.89 13.54
C GLN B 147 22.88 13.59 12.26
N VAL B 148 22.75 14.90 12.24
CA VAL B 148 23.16 15.68 11.10
C VAL B 148 23.42 17.13 11.50
N LYS B 149 24.50 17.69 10.99
CA LYS B 149 24.85 19.06 11.29
C LYS B 149 24.12 19.94 10.30
N VAL B 150 23.30 20.85 10.81
CA VAL B 150 22.51 21.73 9.97
C VAL B 150 22.73 23.21 10.32
N PRO B 151 22.81 24.06 9.29
CA PRO B 151 23.01 25.49 9.51
C PRO B 151 21.71 26.23 9.86
N ILE B 152 21.75 27.06 10.90
CA ILE B 152 20.59 27.87 11.29
C ILE B 152 20.39 28.93 10.21
N MET B 153 19.14 29.25 9.90
CA MET B 153 18.82 30.26 8.91
C MET B 153 18.03 31.37 9.59
N GLU B 154 18.27 32.62 9.21
CA GLU B 154 17.55 33.75 9.80
C GLU B 154 16.07 33.62 9.42
N ASN B 155 15.19 33.90 10.37
CA ASN B 155 13.76 33.80 10.12
C ASN B 155 13.26 34.46 8.85
N HIS B 156 13.71 35.70 8.63
CA HIS B 156 13.29 36.43 7.44
C HIS B 156 13.70 35.66 6.17
N ILE B 157 14.95 35.20 6.14
CA ILE B 157 15.45 34.45 4.99
C ILE B 157 14.66 33.17 4.76
N CYS B 158 14.22 32.54 5.84
CA CYS B 158 13.46 31.32 5.68
C CYS B 158 12.11 31.59 5.08
N ASP B 159 11.41 32.54 5.70
CA ASP B 159 10.11 32.96 5.28
C ASP B 159 10.22 33.30 3.80
N ALA B 160 11.29 34.02 3.44
CA ALA B 160 11.52 34.41 2.05
C ALA B 160 11.69 33.19 1.14
N LYS B 161 12.46 32.20 1.57
CA LYS B 161 12.65 31.00 0.77
C LYS B 161 11.29 30.31 0.53
N TYR B 162 10.49 30.18 1.58
CA TYR B 162 9.18 29.54 1.44
C TYR B 162 8.22 30.27 0.53
N HIS B 163 8.57 31.48 0.09
CA HIS B 163 7.69 32.22 -0.80
C HIS B 163 8.13 32.01 -2.24
N LEU B 164 9.36 31.51 -2.40
CA LEU B 164 9.91 31.25 -3.72
C LEU B 164 9.22 30.01 -4.30
N GLY B 165 8.53 30.21 -5.41
CA GLY B 165 7.83 29.10 -6.04
C GLY B 165 6.49 28.87 -5.37
N ALA B 166 5.91 29.94 -4.83
CA ALA B 166 4.62 29.85 -4.17
C ALA B 166 3.75 31.06 -4.48
N TYR B 167 2.44 30.87 -4.39
CA TYR B 167 1.48 31.94 -4.66
C TYR B 167 1.28 32.86 -3.47
N THR B 168 1.64 32.38 -2.28
CA THR B 168 1.45 33.16 -1.07
C THR B 168 2.12 34.53 -1.21
N GLY B 169 1.35 35.59 -0.91
CA GLY B 169 1.88 36.93 -1.01
C GLY B 169 3.12 37.09 -0.15
N ASP B 170 4.10 37.85 -0.64
CA ASP B 170 5.36 38.08 0.07
C ASP B 170 5.21 38.60 1.49
N ASP B 171 4.24 39.49 1.71
CA ASP B 171 4.02 40.05 3.04
C ASP B 171 3.21 39.15 3.96
N VAL B 172 2.81 37.99 3.44
CA VAL B 172 2.06 37.04 4.27
C VAL B 172 3.10 36.14 4.88
N ARG B 173 3.08 36.07 6.21
CA ARG B 173 4.04 35.29 6.97
C ARG B 173 3.85 33.76 6.94
N ILE B 174 4.87 33.03 6.51
CA ILE B 174 4.77 31.57 6.48
C ILE B 174 5.59 31.02 7.66
N VAL B 175 6.83 31.47 7.76
CA VAL B 175 7.68 31.07 8.87
C VAL B 175 7.44 32.19 9.86
N ARG B 176 6.75 31.86 10.94
CA ARG B 176 6.38 32.83 11.94
C ARG B 176 7.47 33.12 12.97
N ASP B 177 7.24 34.10 13.83
CA ASP B 177 8.21 34.48 14.84
C ASP B 177 8.47 33.48 15.97
N ASP B 178 7.52 32.60 16.27
CA ASP B 178 7.75 31.62 17.32
C ASP B 178 8.43 30.39 16.72
N MET B 179 8.83 30.52 15.45
CA MET B 179 9.50 29.44 14.71
C MET B 179 10.95 29.79 14.44
N LEU B 180 11.73 28.76 14.12
CA LEU B 180 13.15 28.88 13.84
C LEU B 180 13.37 27.91 12.68
N CYS B 181 14.42 28.10 11.90
CA CYS B 181 14.61 27.18 10.79
C CYS B 181 16.06 26.83 10.48
N ALA B 182 16.28 25.63 9.96
CA ALA B 182 17.64 25.17 9.64
C ALA B 182 17.64 24.08 8.60
N GLY B 183 18.81 23.85 8.00
CA GLY B 183 18.94 22.80 7.01
C GLY B 183 19.12 23.30 5.60
N ASN B 184 19.40 22.37 4.69
CA ASN B 184 19.59 22.66 3.27
C ASN B 184 19.12 21.46 2.45
N THR B 185 19.42 21.47 1.16
CA THR B 185 19.00 20.38 0.28
C THR B 185 19.73 19.07 0.51
N ARG B 186 20.70 19.06 1.41
CA ARG B 186 21.42 17.83 1.69
C ARG B 186 21.20 17.35 3.11
N ARG B 187 20.98 18.30 4.02
CA ARG B 187 20.79 17.99 5.43
C ARG B 187 19.48 18.55 5.97
N ASP B 188 18.74 17.71 6.69
CA ASP B 188 17.46 18.14 7.24
C ASP B 188 16.90 17.04 8.13
N SER B 189 15.80 17.36 8.82
CA SER B 189 15.12 16.41 9.69
C SER B 189 13.92 15.95 8.83
N CYS B 190 13.33 14.80 9.12
CA CYS B 190 12.24 14.32 8.27
C CYS B 190 11.14 13.65 9.06
N GLN B 191 10.11 13.13 8.39
CA GLN B 191 9.01 12.46 9.09
C GLN B 191 9.59 11.41 10.03
N GLY B 192 9.18 11.49 11.29
CA GLY B 192 9.66 10.56 12.30
C GLY B 192 10.57 11.27 13.29
N ASP B 193 11.11 12.41 12.88
CA ASP B 193 12.00 13.19 13.75
C ASP B 193 11.26 14.22 14.57
N SER B 194 10.01 14.48 14.22
CA SER B 194 9.17 15.47 14.93
C SER B 194 9.27 15.37 16.44
N GLY B 195 9.15 16.52 17.10
CA GLY B 195 9.24 16.55 18.53
C GLY B 195 10.70 16.50 18.94
N GLY B 196 11.54 16.02 18.03
CA GLY B 196 12.97 15.89 18.30
C GLY B 196 13.71 17.18 18.63
N PRO B 197 14.95 17.09 19.12
CA PRO B 197 15.74 18.26 19.49
C PRO B 197 16.70 18.78 18.43
N LEU B 198 16.91 20.10 18.47
CA LEU B 198 17.85 20.79 17.58
C LEU B 198 18.73 21.50 18.59
N VAL B 199 19.93 20.96 18.78
CA VAL B 199 20.84 21.51 19.76
C VAL B 199 22.06 22.20 19.16
N CYS B 200 22.54 23.23 19.83
CA CYS B 200 23.71 23.95 19.35
C CYS B 200 24.70 24.08 20.49
N LYS B 201 25.99 24.10 20.15
CA LYS B 201 27.02 24.21 21.17
C LYS B 201 27.39 25.68 21.26
N VAL B 202 27.04 26.30 22.39
CA VAL B 202 27.31 27.72 22.59
C VAL B 202 28.20 27.92 23.81
N ASN B 203 29.25 28.72 23.65
CA ASN B 203 30.17 28.97 24.75
C ASN B 203 30.62 27.62 25.32
N GLY B 204 30.71 26.62 24.45
CA GLY B 204 31.12 25.29 24.91
C GLY B 204 30.06 24.58 25.74
N THR B 205 28.79 24.74 25.39
CA THR B 205 27.69 24.08 26.11
C THR B 205 26.49 23.87 25.19
N TRP B 206 25.95 22.65 25.19
CA TRP B 206 24.81 22.27 24.35
C TRP B 206 23.46 22.78 24.87
N LEU B 207 22.79 23.58 24.04
CA LEU B 207 21.48 24.15 24.38
C LEU B 207 20.45 23.76 23.32
N GLN B 208 19.23 23.44 23.72
CA GLN B 208 18.23 23.08 22.72
C GLN B 208 17.56 24.34 22.15
N ALA B 209 17.92 24.68 20.92
CA ALA B 209 17.35 25.85 20.24
C ALA B 209 15.97 25.57 19.62
N GLY B 210 15.73 24.35 19.18
CA GLY B 210 14.44 24.06 18.58
C GLY B 210 13.86 22.66 18.75
N VAL B 211 12.61 22.53 18.34
CA VAL B 211 11.91 21.26 18.38
C VAL B 211 11.48 21.04 16.94
N VAL B 212 11.78 19.86 16.39
CA VAL B 212 11.43 19.54 15.01
C VAL B 212 9.92 19.71 14.88
N SER B 213 9.49 20.58 13.96
CA SER B 213 8.09 20.86 13.78
C SER B 213 7.51 20.47 12.42
N TRP B 214 7.86 21.21 11.38
CA TRP B 214 7.35 20.89 10.04
C TRP B 214 8.26 21.38 8.92
N GLY B 215 7.78 21.23 7.70
CA GLY B 215 8.55 21.66 6.56
C GLY B 215 7.89 21.11 5.32
N GLU B 216 8.27 21.63 4.16
CA GLU B 216 7.70 21.12 2.92
C GLU B 216 8.66 20.02 2.46
N GLY B 217 8.26 18.76 2.71
CA GLY B 217 9.11 17.65 2.36
C GLY B 217 10.34 17.71 3.23
N CYS B 218 11.40 17.00 2.82
CA CYS B 218 12.64 17.01 3.58
C CYS B 218 13.78 17.34 2.65
N ALA B 219 14.65 18.25 3.07
CA ALA B 219 15.79 18.65 2.26
C ALA B 219 15.40 19.10 0.85
N GLN B 220 14.27 19.78 0.71
CA GLN B 220 13.84 20.26 -0.59
C GLN B 220 14.34 21.68 -0.79
N PRO B 221 14.65 22.05 -2.03
CA PRO B 221 15.15 23.38 -2.41
C PRO B 221 14.24 24.51 -1.97
N ASN B 222 14.83 25.51 -1.32
CA ASN B 222 14.10 26.66 -0.82
C ASN B 222 13.00 26.25 0.15
N ARG B 223 13.20 25.12 0.82
CA ARG B 223 12.22 24.65 1.79
C ARG B 223 12.91 24.06 3.02
N PRO B 224 13.66 24.89 3.76
CA PRO B 224 14.37 24.47 4.96
C PRO B 224 13.44 23.96 6.05
N GLY B 225 14.00 23.18 6.97
CA GLY B 225 13.21 22.63 8.05
C GLY B 225 12.78 23.69 9.04
N ILE B 226 11.53 23.61 9.47
CA ILE B 226 11.02 24.55 10.44
C ILE B 226 11.00 23.89 11.82
N TYR B 227 11.36 24.65 12.85
CA TYR B 227 11.38 24.16 14.22
C TYR B 227 10.69 25.16 15.15
N THR B 228 10.15 24.66 16.25
CA THR B 228 9.51 25.54 17.22
C THR B 228 10.67 26.19 17.98
N ARG B 229 10.76 27.52 17.92
CA ARG B 229 11.82 28.25 18.61
C ARG B 229 11.60 28.06 20.12
N VAL B 230 12.57 27.45 20.80
CA VAL B 230 12.40 27.19 22.24
C VAL B 230 12.38 28.43 23.12
N THR B 231 13.34 29.33 22.90
CA THR B 231 13.42 30.56 23.69
C THR B 231 12.08 31.30 23.76
N TYR B 232 11.27 31.13 22.72
CA TYR B 232 9.98 31.79 22.65
C TYR B 232 8.96 31.27 23.66
N TYR B 233 9.14 30.04 24.12
CA TYR B 233 8.19 29.46 25.06
C TYR B 233 8.78 29.09 26.40
N LEU B 234 10.00 29.57 26.67
CA LEU B 234 10.65 29.29 27.95
C LEU B 234 9.72 29.54 29.12
N ASP B 235 9.05 30.70 29.09
CA ASP B 235 8.12 31.05 30.16
C ASP B 235 7.07 29.98 30.35
N TRP B 236 6.49 29.51 29.26
CA TRP B 236 5.46 28.48 29.32
C TRP B 236 6.01 27.16 29.87
N ILE B 237 7.21 26.81 29.42
CA ILE B 237 7.86 25.59 29.88
C ILE B 237 8.11 25.69 31.37
N HIS B 238 8.78 26.76 31.78
CA HIS B 238 9.09 26.96 33.20
C HIS B 238 7.87 27.08 34.11
N HIS B 239 6.67 27.14 33.54
CA HIS B 239 5.49 27.22 34.39
C HIS B 239 5.26 25.83 34.98
N TYR B 240 5.80 24.81 34.32
CA TYR B 240 5.63 23.43 34.74
C TYR B 240 6.94 22.78 35.12
N VAL B 241 7.98 23.04 34.32
CA VAL B 241 9.29 22.46 34.57
C VAL B 241 10.16 23.28 35.51
N PRO B 242 10.50 22.71 36.68
CA PRO B 242 11.33 23.37 37.70
C PRO B 242 12.62 23.93 37.08
N LYS B 243 13.01 25.12 37.52
CA LYS B 243 14.21 25.78 37.00
C LYS B 243 15.45 25.02 37.44
N ILE C 1 -18.35 12.37 -1.17
CA ILE C 1 -19.64 12.76 -0.53
C ILE C 1 -20.16 11.64 0.39
N VAL C 2 -20.34 11.96 1.67
CA VAL C 2 -20.82 11.00 2.64
C VAL C 2 -22.32 11.13 2.88
N GLY C 3 -23.02 10.01 2.77
CA GLY C 3 -24.46 9.99 2.99
C GLY C 3 -25.35 10.67 1.97
N GLY C 4 -25.05 10.52 0.69
CA GLY C 4 -25.92 11.16 -0.29
C GLY C 4 -26.48 10.11 -1.24
N GLN C 5 -26.61 10.48 -2.50
CA GLN C 5 -27.09 9.59 -3.53
C GLN C 5 -26.57 10.11 -4.86
N GLU C 6 -26.73 9.31 -5.92
CA GLU C 6 -26.26 9.74 -7.24
C GLU C 6 -27.10 10.95 -7.63
N ALA C 7 -26.47 11.98 -8.17
CA ALA C 7 -27.23 13.16 -8.58
C ALA C 7 -27.87 12.95 -9.95
N PRO C 8 -29.08 13.49 -10.15
CA PRO C 8 -29.69 13.27 -11.48
C PRO C 8 -28.91 14.11 -12.52
N ARG C 9 -28.96 13.70 -13.79
CA ARG C 9 -28.25 14.40 -14.84
C ARG C 9 -28.58 15.88 -14.99
N SER C 10 -29.81 16.25 -14.68
CA SER C 10 -30.28 17.62 -14.79
C SER C 10 -29.87 18.55 -13.65
N LYS C 11 -29.11 18.04 -12.69
CA LYS C 11 -28.71 18.88 -11.57
C LYS C 11 -27.21 19.15 -11.49
N TRP C 12 -26.87 20.28 -10.88
CA TRP C 12 -25.49 20.71 -10.70
C TRP C 12 -24.72 20.88 -12.00
N PRO C 13 -25.27 21.66 -12.94
CA PRO C 13 -24.63 21.90 -14.24
C PRO C 13 -23.25 22.56 -14.15
N TRP C 14 -22.99 23.24 -13.03
CA TRP C 14 -21.72 23.94 -12.82
C TRP C 14 -20.59 23.10 -12.22
N GLN C 15 -20.90 21.89 -11.78
CA GLN C 15 -19.88 21.01 -11.17
C GLN C 15 -18.77 20.69 -12.15
N VAL C 16 -17.52 20.78 -11.69
CA VAL C 16 -16.39 20.44 -12.54
C VAL C 16 -15.41 19.55 -11.77
N SER C 17 -14.56 18.85 -12.53
CA SER C 17 -13.56 17.97 -11.96
C SER C 17 -12.19 18.48 -12.44
N LEU C 18 -11.22 18.55 -11.53
CA LEU C 18 -9.89 19.00 -11.88
C LEU C 18 -9.08 17.75 -12.12
N ARG C 19 -8.25 17.75 -13.16
CA ARG C 19 -7.45 16.57 -13.50
C ARG C 19 -5.94 16.81 -13.54
N VAL C 20 -5.18 15.90 -12.96
CA VAL C 20 -3.74 15.99 -12.95
C VAL C 20 -3.17 14.94 -13.90
N HIS C 21 -2.17 15.33 -14.68
CA HIS C 21 -1.57 14.40 -15.64
C HIS C 21 -0.79 13.30 -14.94
N GLY C 22 -0.94 12.09 -15.46
CA GLY C 22 -0.25 10.94 -14.92
C GLY C 22 -0.53 9.78 -15.85
N PRO C 23 -0.58 8.53 -15.35
CA PRO C 23 -0.86 7.38 -16.21
C PRO C 23 -2.16 7.63 -16.97
N TYR C 24 -3.00 8.45 -16.37
CA TYR C 24 -4.26 8.88 -16.96
C TYR C 24 -4.60 10.20 -16.26
N TRP C 25 -5.54 10.97 -16.81
CA TRP C 25 -5.92 12.24 -16.19
C TRP C 25 -6.84 12.00 -15.00
N MET C 26 -6.21 11.88 -13.84
CA MET C 26 -6.88 11.58 -12.60
C MET C 26 -7.50 12.78 -11.87
N HIS C 27 -8.69 12.55 -11.36
CA HIS C 27 -9.45 13.54 -10.61
C HIS C 27 -8.74 13.73 -9.27
N PHE C 28 -8.58 14.97 -8.84
CA PHE C 28 -7.93 15.22 -7.53
C PHE C 28 -8.69 16.26 -6.73
N CYS C 29 -9.62 16.95 -7.37
CA CYS C 29 -10.43 17.98 -6.70
C CYS C 29 -11.62 18.42 -7.55
N GLY C 30 -12.59 19.05 -6.89
CA GLY C 30 -13.75 19.56 -7.58
C GLY C 30 -13.60 21.05 -7.81
N GLY C 31 -14.61 21.63 -8.46
CA GLY C 31 -14.59 23.06 -8.74
C GLY C 31 -15.97 23.44 -9.26
N SER C 32 -16.14 24.69 -9.66
CA SER C 32 -17.42 25.14 -10.21
C SER C 32 -17.19 26.19 -11.29
N LEU C 33 -18.04 26.15 -12.31
CA LEU C 33 -17.91 27.11 -13.39
C LEU C 33 -18.71 28.34 -12.98
N ILE C 34 -18.04 29.47 -12.83
CA ILE C 34 -18.69 30.72 -12.43
C ILE C 34 -18.71 31.73 -13.58
N HIS C 35 -18.12 31.38 -14.70
CA HIS C 35 -18.06 32.26 -15.85
C HIS C 35 -17.58 31.35 -16.99
N PRO C 36 -18.01 31.63 -18.23
CA PRO C 36 -17.58 30.81 -19.36
C PRO C 36 -16.10 30.50 -19.43
N GLN C 37 -15.27 31.37 -18.85
CA GLN C 37 -13.82 31.16 -18.89
C GLN C 37 -13.19 30.98 -17.51
N TRP C 38 -14.01 30.93 -16.47
CA TRP C 38 -13.45 30.78 -15.13
C TRP C 38 -14.06 29.70 -14.27
N VAL C 39 -13.18 29.08 -13.49
CA VAL C 39 -13.54 28.00 -12.58
C VAL C 39 -13.13 28.39 -11.17
N LEU C 40 -14.03 28.18 -10.22
CA LEU C 40 -13.73 28.50 -8.82
C LEU C 40 -13.44 27.19 -8.10
N THR C 41 -12.37 27.20 -7.32
CA THR C 41 -11.97 26.01 -6.58
C THR C 41 -11.21 26.40 -5.30
N ALA C 42 -10.71 25.39 -4.60
CA ALA C 42 -9.96 25.62 -3.37
C ALA C 42 -8.50 25.89 -3.67
N ALA C 43 -7.90 26.82 -2.94
CA ALA C 43 -6.49 27.13 -3.13
C ALA C 43 -5.59 25.94 -2.78
N HIS C 44 -5.96 25.15 -1.78
CA HIS C 44 -5.09 24.03 -1.42
C HIS C 44 -5.04 22.94 -2.48
N CYS C 45 -5.98 22.97 -3.41
CA CYS C 45 -6.01 22.00 -4.49
C CYS C 45 -4.92 22.31 -5.52
N VAL C 46 -4.59 23.59 -5.71
CA VAL C 46 -3.57 23.95 -6.69
C VAL C 46 -2.34 24.70 -6.16
N GLY C 47 -2.31 24.94 -4.86
CA GLY C 47 -1.18 25.64 -4.24
C GLY C 47 -0.88 25.07 -2.86
N PRO C 48 -0.13 25.77 -2.00
CA PRO C 48 0.49 27.08 -2.21
C PRO C 48 1.65 27.13 -3.20
N ASP C 49 2.19 25.98 -3.59
CA ASP C 49 3.30 25.98 -4.54
C ASP C 49 2.84 26.02 -5.99
N VAL C 50 3.51 26.83 -6.80
CA VAL C 50 3.15 26.97 -8.21
C VAL C 50 3.34 25.63 -8.91
N LYS C 51 2.40 25.32 -9.81
CA LYS C 51 2.42 24.06 -10.53
C LYS C 51 2.57 24.28 -12.02
N ASP C 52 2.87 23.20 -12.73
CA ASP C 52 3.00 23.24 -14.18
C ASP C 52 1.60 23.19 -14.75
N LEU C 53 1.15 24.29 -15.35
CA LEU C 53 -0.18 24.35 -15.91
C LEU C 53 -0.43 23.23 -16.93
N ALA C 54 0.63 22.83 -17.62
CA ALA C 54 0.54 21.76 -18.61
C ALA C 54 -0.02 20.48 -18.01
N ALA C 55 0.41 20.15 -16.80
CA ALA C 55 -0.03 18.94 -16.12
C ALA C 55 -1.43 19.06 -15.53
N LEU C 56 -2.17 20.09 -15.94
CA LEU C 56 -3.52 20.32 -15.42
C LEU C 56 -4.60 20.48 -16.47
N ARG C 57 -5.75 19.86 -16.22
CA ARG C 57 -6.88 20.00 -17.12
C ARG C 57 -8.19 19.98 -16.34
N VAL C 58 -9.22 20.57 -16.94
CA VAL C 58 -10.51 20.66 -16.32
C VAL C 58 -11.56 19.90 -17.12
N GLN C 59 -12.41 19.18 -16.40
CA GLN C 59 -13.51 18.42 -17.01
C GLN C 59 -14.83 19.03 -16.54
N LEU C 60 -15.68 19.45 -17.49
CA LEU C 60 -16.97 20.04 -17.15
C LEU C 60 -17.90 18.94 -16.64
N ARG C 61 -19.09 19.31 -16.15
CA ARG C 61 -20.00 18.32 -15.61
C ARG C 61 -20.01 17.01 -16.36
N GLU C 62 -19.95 15.92 -15.60
CA GLU C 62 -19.93 14.56 -16.12
C GLU C 62 -20.79 13.73 -15.18
N GLN C 63 -21.65 12.86 -15.70
CA GLN C 63 -22.47 12.03 -14.83
C GLN C 63 -21.59 10.97 -14.15
N HIS C 64 -20.63 10.45 -14.90
CA HIS C 64 -19.70 9.43 -14.40
C HIS C 64 -18.26 9.79 -14.76
N LEU C 65 -17.41 9.91 -13.74
CA LEU C 65 -16.02 10.26 -13.97
C LEU C 65 -15.28 9.37 -14.95
N TYR C 66 -14.54 10.03 -15.84
CA TYR C 66 -13.68 9.37 -16.85
C TYR C 66 -14.36 8.78 -18.08
N TYR C 67 -15.64 8.48 -17.99
CA TYR C 67 -16.33 7.86 -19.13
C TYR C 67 -16.56 8.74 -20.34
N GLN C 68 -16.86 10.02 -20.13
CA GLN C 68 -17.10 10.92 -21.27
C GLN C 68 -16.16 12.13 -21.25
N ASP C 69 -14.91 11.91 -20.89
CA ASP C 69 -13.93 13.00 -20.81
C ASP C 69 -13.76 13.83 -22.07
N GLN C 70 -13.75 15.14 -21.84
CA GLN C 70 -13.58 16.13 -22.88
C GLN C 70 -12.73 17.16 -22.13
N LEU C 71 -11.47 16.81 -21.87
CA LEU C 71 -10.58 17.68 -21.11
C LEU C 71 -10.25 19.04 -21.70
N LEU C 72 -10.32 20.06 -20.84
CA LEU C 72 -10.04 21.45 -21.22
C LEU C 72 -8.77 21.98 -20.56
N PRO C 73 -7.87 22.57 -21.35
CA PRO C 73 -6.61 23.13 -20.84
C PRO C 73 -6.82 24.41 -20.02
N VAL C 74 -5.85 24.73 -19.17
CA VAL C 74 -5.92 25.92 -18.32
C VAL C 74 -4.79 26.88 -18.64
N SER C 75 -5.10 28.16 -18.76
CA SER C 75 -4.08 29.16 -19.08
C SER C 75 -3.46 29.85 -17.87
N ARG C 76 -4.25 30.07 -16.83
CA ARG C 76 -3.79 30.72 -15.61
C ARG C 76 -4.36 30.06 -14.37
N ILE C 77 -3.59 30.09 -13.29
CA ILE C 77 -4.00 29.56 -11.99
C ILE C 77 -3.81 30.72 -11.02
N ILE C 78 -4.92 31.27 -10.52
CA ILE C 78 -4.83 32.39 -9.59
C ILE C 78 -5.26 31.99 -8.19
N VAL C 79 -4.31 32.00 -7.27
CA VAL C 79 -4.55 31.62 -5.87
C VAL C 79 -4.57 32.85 -4.97
N HIS C 80 -5.47 32.88 -3.99
CA HIS C 80 -5.54 34.03 -3.11
C HIS C 80 -4.19 34.16 -2.42
N PRO C 81 -3.54 35.32 -2.56
CA PRO C 81 -2.22 35.62 -1.97
C PRO C 81 -2.13 35.43 -0.45
N GLN C 82 -3.29 35.37 0.20
CA GLN C 82 -3.35 35.20 1.66
C GLN C 82 -3.28 33.73 2.05
N PHE C 83 -3.36 32.84 1.06
CA PHE C 83 -3.36 31.41 1.32
C PHE C 83 -2.04 30.69 1.53
N TYR C 84 -2.01 29.84 2.56
CA TYR C 84 -0.84 29.00 2.83
C TYR C 84 -1.31 27.60 3.25
N THR C 85 -2.34 27.52 4.10
CA THR C 85 -2.93 26.23 4.51
C THR C 85 -4.42 26.44 4.70
N ALA C 86 -5.21 25.38 4.56
CA ALA C 86 -6.67 25.50 4.71
C ALA C 86 -7.10 25.94 6.10
N GLN C 87 -6.44 25.43 7.13
CA GLN C 87 -6.82 25.78 8.50
C GLN C 87 -6.60 27.28 8.75
N ILE C 88 -5.55 27.82 8.15
CA ILE C 88 -5.27 29.23 8.33
C ILE C 88 -6.34 30.07 7.62
N GLY C 89 -6.70 29.71 6.39
CA GLY C 89 -7.73 30.48 5.70
C GLY C 89 -7.43 30.88 4.26
N ALA C 90 -8.38 31.61 3.66
CA ALA C 90 -8.26 32.09 2.27
C ALA C 90 -8.09 30.91 1.32
N ASP C 91 -8.82 29.83 1.58
CA ASP C 91 -8.73 28.64 0.75
C ASP C 91 -9.62 28.79 -0.47
N ILE C 92 -9.18 29.64 -1.38
CA ILE C 92 -9.94 29.90 -2.58
C ILE C 92 -8.96 30.18 -3.72
N ALA C 93 -9.35 29.85 -4.94
CA ALA C 93 -8.50 30.06 -6.09
C ALA C 93 -9.31 30.08 -7.38
N LEU C 94 -8.72 30.65 -8.42
CA LEU C 94 -9.38 30.77 -9.71
C LEU C 94 -8.61 30.10 -10.83
N LEU C 95 -9.34 29.48 -11.74
CA LEU C 95 -8.74 28.82 -12.90
C LEU C 95 -9.29 29.44 -14.17
N GLU C 96 -8.44 30.04 -14.99
CA GLU C 96 -8.90 30.61 -16.25
C GLU C 96 -8.66 29.56 -17.36
N LEU C 97 -9.72 29.25 -18.09
CA LEU C 97 -9.61 28.27 -19.16
C LEU C 97 -8.98 28.96 -20.36
N GLU C 98 -8.44 28.18 -21.29
CA GLU C 98 -7.83 28.75 -22.48
C GLU C 98 -8.87 29.25 -23.47
N GLU C 99 -10.10 28.76 -23.37
CA GLU C 99 -11.18 29.16 -24.27
C GLU C 99 -12.47 29.26 -23.50
N PRO C 100 -13.37 30.17 -23.90
CA PRO C 100 -14.63 30.24 -23.15
C PRO C 100 -15.44 28.98 -23.50
N VAL C 101 -16.25 28.48 -22.59
CA VAL C 101 -17.04 27.29 -22.88
C VAL C 101 -18.45 27.68 -23.31
N LYS C 102 -19.11 26.81 -24.06
CA LYS C 102 -20.47 27.06 -24.51
C LYS C 102 -21.44 26.58 -23.42
N VAL C 103 -22.27 27.49 -22.95
CA VAL C 103 -23.22 27.20 -21.91
C VAL C 103 -24.52 26.56 -22.43
N SER C 104 -25.18 25.78 -21.57
CA SER C 104 -26.43 25.12 -21.93
C SER C 104 -27.15 24.68 -20.66
N SER C 105 -28.26 23.97 -20.83
CA SER C 105 -29.03 23.48 -19.68
C SER C 105 -28.24 22.44 -18.91
N HIS C 106 -27.44 21.65 -19.61
CA HIS C 106 -26.67 20.61 -18.97
C HIS C 106 -25.39 21.16 -18.35
N VAL C 107 -24.89 22.26 -18.89
CA VAL C 107 -23.68 22.84 -18.35
C VAL C 107 -23.66 24.37 -18.48
N HIS C 108 -23.75 25.02 -17.32
CA HIS C 108 -23.71 26.48 -17.25
C HIS C 108 -23.12 26.91 -15.90
N THR C 109 -22.89 28.20 -15.72
CA THR C 109 -22.29 28.69 -14.48
C THR C 109 -23.23 28.73 -13.28
N VAL C 110 -22.64 28.87 -12.09
CA VAL C 110 -23.42 28.96 -10.86
C VAL C 110 -23.41 30.43 -10.45
N THR C 111 -24.48 30.89 -9.82
CA THR C 111 -24.56 32.28 -9.38
C THR C 111 -23.86 32.51 -8.04
N LEU C 112 -23.03 33.54 -8.01
CA LEU C 112 -22.31 33.92 -6.80
C LEU C 112 -23.27 34.76 -5.97
N PRO C 113 -23.19 34.67 -4.63
CA PRO C 113 -24.05 35.42 -3.72
C PRO C 113 -23.67 36.88 -3.51
N PRO C 114 -24.66 37.72 -3.15
CA PRO C 114 -24.40 39.13 -2.89
C PRO C 114 -23.64 39.22 -1.58
N ALA C 115 -22.75 40.19 -1.47
CA ALA C 115 -21.92 40.36 -0.28
C ALA C 115 -22.65 40.32 1.08
N SER C 116 -23.94 40.56 1.08
CA SER C 116 -24.69 40.57 2.34
C SER C 116 -25.34 39.24 2.72
N GLU C 117 -25.22 38.24 1.84
CA GLU C 117 -25.83 36.94 2.09
C GLU C 117 -25.19 36.22 3.28
N THR C 118 -26.02 35.80 4.22
CA THR C 118 -25.54 35.13 5.41
C THR C 118 -25.65 33.60 5.43
N PHE C 119 -26.67 33.06 4.79
CA PHE C 119 -26.86 31.61 4.77
C PHE C 119 -26.98 31.13 6.21
N PRO C 120 -28.04 31.56 6.90
CA PRO C 120 -28.25 31.17 8.30
C PRO C 120 -28.59 29.69 8.48
N PRO C 121 -28.40 29.17 9.68
CA PRO C 121 -28.71 27.76 9.94
C PRO C 121 -30.17 27.49 9.63
N GLY C 122 -30.50 26.24 9.38
CA GLY C 122 -31.87 25.90 9.06
C GLY C 122 -32.03 25.83 7.56
N MET C 123 -31.65 26.89 6.88
CA MET C 123 -31.73 26.96 5.43
C MET C 123 -30.91 25.83 4.80
N PRO C 124 -31.58 24.91 4.08
CA PRO C 124 -30.95 23.77 3.41
C PRO C 124 -30.08 24.09 2.20
N CYS C 125 -28.93 23.40 2.15
CA CYS C 125 -27.96 23.57 1.08
C CYS C 125 -27.48 22.19 0.67
N TRP C 126 -26.80 22.11 -0.47
CA TRP C 126 -26.28 20.84 -0.97
C TRP C 126 -24.81 20.97 -1.33
N VAL C 127 -24.08 19.86 -1.24
CA VAL C 127 -22.67 19.84 -1.60
C VAL C 127 -22.54 18.63 -2.54
N THR C 128 -21.75 18.79 -3.59
CA THR C 128 -21.59 17.73 -4.58
C THR C 128 -20.16 17.46 -4.90
N GLY C 129 -19.88 16.25 -5.37
CA GLY C 129 -18.52 15.89 -5.74
C GLY C 129 -18.35 14.40 -6.01
N TRP C 130 -17.13 14.02 -6.36
CA TRP C 130 -16.76 12.64 -6.66
C TRP C 130 -15.82 12.10 -5.61
N GLY C 131 -15.86 12.70 -4.41
CA GLY C 131 -14.96 12.26 -3.36
C GLY C 131 -15.39 10.99 -2.64
N ASP C 132 -14.60 10.60 -1.65
CA ASP C 132 -14.85 9.41 -0.85
C ASP C 132 -16.25 9.38 -0.23
N VAL C 133 -16.84 8.19 -0.16
CA VAL C 133 -18.17 8.02 0.42
C VAL C 133 -18.07 7.84 1.93
N ASP C 134 -16.84 7.89 2.44
CA ASP C 134 -16.59 7.76 3.87
C ASP C 134 -15.09 7.85 4.12
N ASN C 135 -14.69 7.83 5.39
CA ASN C 135 -13.27 7.92 5.73
C ASN C 135 -12.49 6.75 5.13
N ASP C 136 -11.54 7.05 4.25
CA ASP C 136 -10.72 6.04 3.61
C ASP C 136 -11.56 5.06 2.78
N GLU C 137 -12.68 5.55 2.26
CA GLU C 137 -13.56 4.71 1.44
C GLU C 137 -13.84 5.43 0.12
N ARG C 138 -13.15 5.01 -0.93
CA ARG C 138 -13.29 5.62 -2.24
C ARG C 138 -14.63 5.41 -2.94
N LEU C 139 -15.02 6.40 -3.74
CA LEU C 139 -16.25 6.31 -4.51
C LEU C 139 -15.95 5.19 -5.51
N PRO C 140 -16.76 4.12 -5.52
CA PRO C 140 -16.54 3.01 -6.43
C PRO C 140 -16.90 3.33 -7.87
N PRO C 141 -16.36 2.55 -8.83
CA PRO C 141 -16.69 2.78 -10.24
C PRO C 141 -18.18 2.46 -10.34
N PRO C 142 -18.89 3.03 -11.32
CA PRO C 142 -18.43 3.93 -12.38
C PRO C 142 -18.27 5.40 -11.94
N PHE C 143 -18.12 5.61 -10.64
CA PHE C 143 -17.88 6.96 -10.13
C PHE C 143 -18.96 7.95 -10.50
N PRO C 144 -20.14 7.82 -9.88
CA PRO C 144 -21.23 8.76 -10.19
C PRO C 144 -21.09 10.04 -9.38
N LEU C 145 -21.56 11.15 -9.94
CA LEU C 145 -21.52 12.43 -9.24
C LEU C 145 -22.52 12.29 -8.10
N LYS C 146 -22.09 12.53 -6.87
CA LYS C 146 -23.00 12.44 -5.75
C LYS C 146 -23.41 13.80 -5.22
N GLN C 147 -24.49 13.83 -4.45
CA GLN C 147 -25.00 15.05 -3.86
C GLN C 147 -25.49 14.69 -2.48
N VAL C 148 -25.57 15.68 -1.58
CA VAL C 148 -26.08 15.43 -0.24
C VAL C 148 -26.47 16.76 0.38
N LYS C 149 -27.62 16.77 1.04
CA LYS C 149 -28.11 17.98 1.69
C LYS C 149 -27.43 18.07 3.05
N VAL C 150 -26.77 19.19 3.31
CA VAL C 150 -26.08 19.39 4.58
C VAL C 150 -26.68 20.50 5.42
N PRO C 151 -26.74 20.28 6.74
CA PRO C 151 -27.30 21.33 7.61
C PRO C 151 -26.23 22.36 7.94
N ILE C 152 -26.55 23.63 7.71
CA ILE C 152 -25.63 24.72 8.01
C ILE C 152 -25.76 25.09 9.47
N MET C 153 -24.65 25.39 10.12
CA MET C 153 -24.69 25.76 11.54
C MET C 153 -23.83 27.00 11.70
N GLU C 154 -24.16 27.83 12.70
CA GLU C 154 -23.41 29.05 12.93
C GLU C 154 -21.94 28.78 13.22
N ASN C 155 -21.09 29.68 12.73
CA ASN C 155 -19.66 29.54 12.95
C ASN C 155 -19.26 29.30 14.41
N HIS C 156 -19.81 30.08 15.35
CA HIS C 156 -19.44 29.91 16.77
C HIS C 156 -19.88 28.57 17.37
N ILE C 157 -20.86 27.94 16.73
CA ILE C 157 -21.35 26.64 17.18
C ILE C 157 -20.34 25.55 16.79
N CYS C 158 -19.89 25.62 15.54
CA CYS C 158 -18.92 24.65 15.03
C CYS C 158 -17.57 24.85 15.66
N ASP C 159 -17.25 26.09 15.99
CA ASP C 159 -15.97 26.36 16.60
C ASP C 159 -15.95 25.71 17.97
N ALA C 160 -17.05 25.85 18.70
CA ALA C 160 -17.14 25.25 20.03
C ALA C 160 -16.98 23.74 19.91
N LYS C 161 -17.63 23.13 18.92
CA LYS C 161 -17.50 21.70 18.78
C LYS C 161 -16.08 21.27 18.44
N TYR C 162 -15.41 22.04 17.60
CA TYR C 162 -14.04 21.69 17.26
C TYR C 162 -13.14 21.71 18.50
N HIS C 163 -13.56 22.44 19.53
CA HIS C 163 -12.77 22.52 20.77
C HIS C 163 -13.08 21.36 21.72
N LEU C 164 -14.18 20.65 21.48
CA LEU C 164 -14.54 19.52 22.33
C LEU C 164 -13.59 18.38 22.03
N GLY C 165 -12.95 17.85 23.07
CA GLY C 165 -12.01 16.77 22.89
C GLY C 165 -10.71 17.25 22.28
N ALA C 166 -10.38 18.52 22.51
CA ALA C 166 -9.15 19.08 21.99
C ALA C 166 -8.46 19.89 23.06
N TYR C 167 -7.13 19.97 22.98
CA TYR C 167 -6.33 20.72 23.94
C TYR C 167 -6.30 22.21 23.63
N THR C 168 -6.72 22.55 22.42
CA THR C 168 -6.71 23.95 22.00
C THR C 168 -7.60 24.80 22.90
N GLY C 169 -7.03 25.89 23.41
CA GLY C 169 -7.77 26.80 24.26
C GLY C 169 -9.03 27.27 23.57
N ASP C 170 -10.12 27.27 24.31
CA ASP C 170 -11.39 27.72 23.80
C ASP C 170 -11.43 29.09 23.14
N ASP C 171 -10.53 29.97 23.52
CA ASP C 171 -10.43 31.30 22.94
C ASP C 171 -9.55 31.42 21.71
N VAL C 172 -8.91 30.32 21.34
CA VAL C 172 -8.06 30.28 20.16
C VAL C 172 -9.05 29.81 19.14
N ARG C 173 -9.43 30.70 18.22
CA ARG C 173 -10.46 30.36 17.25
C ARG C 173 -10.04 29.38 16.16
N ILE C 174 -10.82 28.32 15.98
CA ILE C 174 -10.51 27.29 14.99
C ILE C 174 -11.25 27.57 13.70
N VAL C 175 -12.57 27.60 13.76
CA VAL C 175 -13.39 27.91 12.60
C VAL C 175 -13.35 29.42 12.45
N ARG C 176 -12.58 29.89 11.47
CA ARG C 176 -12.41 31.32 11.24
C ARG C 176 -13.56 32.00 10.51
N ASP C 177 -13.61 33.33 10.58
CA ASP C 177 -14.68 34.10 9.97
C ASP C 177 -14.83 33.97 8.46
N ASP C 178 -13.72 33.84 7.75
CA ASP C 178 -13.78 33.67 6.31
C ASP C 178 -14.18 32.24 5.97
N MET C 179 -14.65 31.50 6.99
CA MET C 179 -15.05 30.10 6.77
C MET C 179 -16.54 29.89 7.05
N LEU C 180 -17.07 28.80 6.52
CA LEU C 180 -18.47 28.46 6.68
C LEU C 180 -18.53 27.00 7.11
N CYS C 181 -19.57 26.65 7.86
CA CYS C 181 -19.71 25.30 8.38
C CYS C 181 -21.01 24.57 8.10
N ALA C 182 -20.90 23.28 7.73
CA ALA C 182 -22.09 22.47 7.44
C ALA C 182 -21.84 20.96 7.55
N GLY C 183 -22.95 20.20 7.63
CA GLY C 183 -22.88 18.76 7.70
C GLY C 183 -22.92 18.18 9.11
N ASN C 184 -23.18 16.88 9.21
CA ASN C 184 -23.21 16.20 10.49
C ASN C 184 -22.59 14.82 10.35
N THR C 185 -22.86 13.94 11.31
CA THR C 185 -22.28 12.61 11.32
C THR C 185 -22.78 11.65 10.23
N ARG C 186 -23.80 12.07 9.49
CA ARG C 186 -24.35 11.22 8.43
C ARG C 186 -24.27 11.89 7.06
N ARG C 187 -24.05 13.20 7.06
CA ARG C 187 -24.00 13.98 5.83
C ARG C 187 -22.78 14.89 5.82
N ASP C 188 -21.94 14.75 4.80
CA ASP C 188 -20.74 15.57 4.72
C ASP C 188 -20.01 15.35 3.40
N SER C 189 -19.01 16.19 3.13
CA SER C 189 -18.19 16.07 1.95
C SER C 189 -16.93 15.39 2.47
N CYS C 190 -16.16 14.76 1.61
CA CYS C 190 -14.96 14.07 2.04
C CYS C 190 -13.82 14.25 1.05
N GLN C 191 -12.67 13.65 1.34
CA GLN C 191 -11.50 13.72 0.48
C GLN C 191 -11.90 13.51 -0.97
N GLY C 192 -11.46 14.41 -1.84
CA GLY C 192 -11.81 14.33 -3.25
C GLY C 192 -12.85 15.37 -3.63
N ASP C 193 -13.65 15.81 -2.65
CA ASP C 193 -14.69 16.81 -2.89
C ASP C 193 -14.15 18.24 -2.83
N SER C 194 -12.96 18.40 -2.25
CA SER C 194 -12.29 19.70 -2.12
C SER C 194 -12.38 20.59 -3.32
N GLY C 195 -12.63 21.87 -3.06
CA GLY C 195 -12.73 22.84 -4.14
C GLY C 195 -14.10 22.80 -4.80
N GLY C 196 -14.89 21.78 -4.45
CA GLY C 196 -16.22 21.64 -5.00
C GLY C 196 -17.14 22.70 -4.41
N PRO C 197 -18.39 22.77 -4.87
CA PRO C 197 -19.27 23.79 -4.31
C PRO C 197 -20.28 23.37 -3.26
N LEU C 198 -20.69 24.33 -2.45
CA LEU C 198 -21.73 24.16 -1.45
C LEU C 198 -22.75 25.24 -1.86
N VAL C 199 -23.89 24.80 -2.37
CA VAL C 199 -24.91 25.73 -2.85
C VAL C 199 -26.23 25.71 -2.10
N CYS C 200 -26.84 26.89 -1.99
CA CYS C 200 -28.11 27.02 -1.30
C CYS C 200 -29.14 27.73 -2.17
N LYS C 201 -30.37 27.24 -2.15
CA LYS C 201 -31.43 27.84 -2.91
C LYS C 201 -31.97 28.96 -2.02
N VAL C 202 -31.83 30.20 -2.48
CA VAL C 202 -32.30 31.33 -1.69
C VAL C 202 -33.63 31.84 -2.19
N ASN C 203 -33.61 32.82 -3.10
CA ASN C 203 -34.87 33.34 -3.62
C ASN C 203 -35.18 32.69 -4.95
N GLY C 204 -35.32 31.38 -4.95
CA GLY C 204 -35.59 30.66 -6.17
C GLY C 204 -34.33 30.50 -7.00
N THR C 205 -33.27 31.20 -6.58
CA THR C 205 -31.99 31.13 -7.29
C THR C 205 -30.93 30.39 -6.48
N TRP C 206 -30.11 29.59 -7.15
CA TRP C 206 -29.06 28.85 -6.48
C TRP C 206 -27.80 29.70 -6.35
N LEU C 207 -27.25 29.78 -5.14
CA LEU C 207 -26.06 30.58 -4.87
C LEU C 207 -24.95 29.74 -4.23
N GLN C 208 -23.71 29.89 -4.70
CA GLN C 208 -22.61 29.14 -4.10
C GLN C 208 -22.19 29.85 -2.82
N ALA C 209 -22.49 29.21 -1.69
CA ALA C 209 -22.17 29.75 -0.38
C ALA C 209 -20.74 29.46 0.04
N GLY C 210 -20.23 28.31 -0.36
CA GLY C 210 -18.88 27.99 0.03
C GLY C 210 -18.15 27.01 -0.87
N VAL C 211 -16.87 26.82 -0.56
CA VAL C 211 -16.02 25.92 -1.30
C VAL C 211 -15.51 24.87 -0.32
N VAL C 212 -15.67 23.60 -0.66
CA VAL C 212 -15.21 22.52 0.22
C VAL C 212 -13.73 22.78 0.50
N SER C 213 -13.40 22.93 1.78
CA SER C 213 -12.04 23.23 2.20
C SER C 213 -11.37 22.16 3.08
N TRP C 214 -11.88 21.93 4.28
CA TRP C 214 -11.28 20.93 5.19
C TRP C 214 -12.20 20.46 6.30
N GLY C 215 -11.65 19.61 7.17
CA GLY C 215 -12.40 19.09 8.29
C GLY C 215 -11.61 17.97 8.91
N GLU C 216 -11.81 17.67 10.19
CA GLU C 216 -11.08 16.57 10.79
C GLU C 216 -11.83 15.32 10.37
N GLY C 217 -11.32 14.65 9.35
CA GLY C 217 -12.00 13.46 8.88
C GLY C 217 -13.28 13.86 8.18
N CYS C 218 -14.21 12.94 8.05
CA CYS C 218 -15.47 13.20 7.37
C CYS C 218 -16.61 12.69 8.21
N ALA C 219 -17.63 13.51 8.37
CA ALA C 219 -18.82 13.12 9.13
C ALA C 219 -18.45 12.53 10.49
N GLN C 220 -17.48 13.15 11.16
CA GLN C 220 -17.04 12.69 12.48
C GLN C 220 -17.71 13.51 13.58
N PRO C 221 -17.92 12.90 14.75
CA PRO C 221 -18.55 13.55 15.91
C PRO C 221 -17.89 14.86 16.30
N ASN C 222 -18.70 15.91 16.44
CA ASN C 222 -18.20 17.23 16.82
C ASN C 222 -17.14 17.78 15.87
N ARG C 223 -17.20 17.37 14.61
CA ARG C 223 -16.24 17.83 13.61
C ARG C 223 -16.98 18.04 12.29
N PRO C 224 -17.87 19.02 12.24
CA PRO C 224 -18.61 19.27 11.00
C PRO C 224 -17.66 19.78 9.91
N GLY C 225 -18.10 19.67 8.65
CA GLY C 225 -17.28 20.12 7.54
C GLY C 225 -17.10 21.63 7.48
N ILE C 226 -15.92 22.06 7.04
CA ILE C 226 -15.62 23.48 6.94
C ILE C 226 -15.44 23.88 5.48
N TYR C 227 -16.06 24.98 5.09
CA TYR C 227 -15.99 25.49 3.73
C TYR C 227 -15.52 26.94 3.72
N THR C 228 -14.86 27.33 2.62
CA THR C 228 -14.41 28.71 2.49
C THR C 228 -15.67 29.55 2.23
N ARG C 229 -15.86 30.63 2.98
CA ARG C 229 -17.02 31.51 2.80
C ARG C 229 -16.84 32.41 1.56
N VAL C 230 -17.59 32.10 0.51
CA VAL C 230 -17.51 32.85 -0.72
C VAL C 230 -17.75 34.35 -0.59
N THR C 231 -18.79 34.75 0.15
CA THR C 231 -19.07 36.19 0.31
C THR C 231 -17.87 36.98 0.80
N TYR C 232 -17.02 36.34 1.56
CA TYR C 232 -15.83 36.99 2.11
C TYR C 232 -14.78 37.36 1.07
N TYR C 233 -14.78 36.67 -0.07
CA TYR C 233 -13.78 36.94 -1.08
C TYR C 233 -14.32 37.47 -2.41
N LEU C 234 -15.57 37.93 -2.42
CA LEU C 234 -16.17 38.47 -3.63
C LEU C 234 -15.29 39.53 -4.31
N ASP C 235 -14.84 40.51 -3.56
CA ASP C 235 -14.00 41.57 -4.13
C ASP C 235 -12.79 41.01 -4.86
N TRP C 236 -12.13 40.04 -4.25
CA TRP C 236 -10.96 39.43 -4.84
C TRP C 236 -11.30 38.78 -6.17
N ILE C 237 -12.35 37.97 -6.17
CA ILE C 237 -12.80 37.26 -7.35
C ILE C 237 -13.06 38.22 -8.52
N HIS C 238 -13.75 39.32 -8.22
CA HIS C 238 -14.07 40.31 -9.23
C HIS C 238 -12.86 41.08 -9.76
N HIS C 239 -11.70 40.87 -9.14
CA HIS C 239 -10.50 41.52 -9.65
C HIS C 239 -10.09 40.75 -10.91
N TYR C 240 -10.70 39.58 -11.12
CA TYR C 240 -10.37 38.72 -12.26
C TYR C 240 -11.55 38.31 -13.11
N VAL C 241 -12.65 37.95 -12.47
CA VAL C 241 -13.82 37.50 -13.19
C VAL C 241 -14.82 38.62 -13.40
N PRO C 242 -15.19 38.89 -14.66
CA PRO C 242 -16.15 39.94 -14.99
C PRO C 242 -17.45 39.78 -14.20
N LYS C 243 -18.13 40.90 -13.95
CA LYS C 243 -19.39 40.91 -13.22
C LYS C 243 -20.54 40.50 -14.14
N ILE D 1 -4.25 -6.44 -20.56
CA ILE D 1 -3.66 -6.67 -21.91
C ILE D 1 -2.46 -5.76 -22.15
N VAL D 2 -1.33 -6.36 -22.51
CA VAL D 2 -0.11 -5.60 -22.75
C VAL D 2 0.18 -5.42 -24.24
N GLY D 3 0.54 -4.20 -24.62
CA GLY D 3 0.87 -3.89 -26.00
C GLY D 3 -0.26 -3.84 -27.02
N GLY D 4 -1.51 -3.68 -26.57
CA GLY D 4 -2.61 -3.63 -27.52
C GLY D 4 -3.35 -2.30 -27.57
N GLN D 5 -4.67 -2.36 -27.74
CA GLN D 5 -5.49 -1.15 -27.80
C GLN D 5 -6.97 -1.45 -27.63
N GLU D 6 -7.76 -0.39 -27.39
CA GLU D 6 -9.19 -0.53 -27.18
C GLU D 6 -9.83 -1.25 -28.34
N ALA D 7 -10.68 -2.20 -28.04
CA ALA D 7 -11.37 -3.00 -29.06
C ALA D 7 -12.57 -2.29 -29.66
N PRO D 8 -12.73 -2.36 -31.00
CA PRO D 8 -13.88 -1.72 -31.65
C PRO D 8 -15.13 -2.28 -30.95
N ARG D 9 -16.19 -1.49 -30.91
CA ARG D 9 -17.41 -1.91 -30.26
C ARG D 9 -18.03 -3.20 -30.79
N SER D 10 -17.74 -3.55 -32.04
CA SER D 10 -18.32 -4.73 -32.67
C SER D 10 -17.45 -5.98 -32.67
N LYS D 11 -16.30 -5.92 -32.02
CA LYS D 11 -15.40 -7.06 -31.95
C LYS D 11 -15.52 -7.77 -30.59
N TRP D 12 -15.26 -9.07 -30.59
CA TRP D 12 -15.29 -9.86 -29.36
C TRP D 12 -16.64 -9.82 -28.62
N PRO D 13 -17.74 -10.18 -29.30
CA PRO D 13 -19.07 -10.17 -28.67
C PRO D 13 -19.25 -11.24 -27.58
N TRP D 14 -18.26 -12.11 -27.43
CA TRP D 14 -18.31 -13.20 -26.45
C TRP D 14 -17.60 -12.90 -25.12
N GLN D 15 -16.73 -11.88 -25.12
CA GLN D 15 -15.99 -11.49 -23.93
C GLN D 15 -16.95 -11.27 -22.77
N VAL D 16 -16.60 -11.82 -21.61
CA VAL D 16 -17.41 -11.70 -20.42
C VAL D 16 -16.51 -11.26 -19.27
N SER D 17 -17.10 -10.63 -18.25
CA SER D 17 -16.37 -10.17 -17.07
C SER D 17 -16.93 -10.83 -15.81
N LEU D 18 -16.06 -11.43 -15.01
CA LEU D 18 -16.49 -12.08 -13.77
C LEU D 18 -16.43 -11.09 -12.60
N ARG D 19 -17.49 -11.04 -11.81
CA ARG D 19 -17.57 -10.10 -10.67
C ARG D 19 -17.73 -10.78 -9.32
N VAL D 20 -17.05 -10.22 -8.33
CA VAL D 20 -17.13 -10.72 -6.96
C VAL D 20 -17.73 -9.63 -6.08
N HIS D 21 -18.57 -10.05 -5.14
CA HIS D 21 -19.24 -9.13 -4.22
C HIS D 21 -18.33 -8.47 -3.21
N GLY D 22 -18.44 -7.16 -3.12
CA GLY D 22 -17.66 -6.39 -2.17
C GLY D 22 -18.29 -5.01 -2.14
N PRO D 23 -17.51 -3.95 -1.84
CA PRO D 23 -18.03 -2.59 -1.79
C PRO D 23 -18.78 -2.32 -3.10
N TYR D 24 -18.38 -3.03 -4.14
CA TYR D 24 -19.02 -2.96 -5.44
C TYR D 24 -18.65 -4.25 -6.20
N TRP D 25 -19.48 -4.66 -7.16
CA TRP D 25 -19.16 -5.89 -7.89
C TRP D 25 -17.93 -5.70 -8.75
N MET D 26 -16.78 -6.03 -8.16
CA MET D 26 -15.50 -5.88 -8.82
C MET D 26 -15.06 -7.02 -9.74
N HIS D 27 -14.45 -6.63 -10.86
CA HIS D 27 -13.92 -7.54 -11.85
C HIS D 27 -12.73 -8.29 -11.25
N PHE D 28 -12.67 -9.61 -11.43
CA PHE D 28 -11.53 -10.37 -10.93
C PHE D 28 -11.00 -11.34 -11.98
N CYS D 29 -11.78 -11.55 -13.03
CA CYS D 29 -11.37 -12.45 -14.10
C CYS D 29 -12.19 -12.28 -15.37
N GLY D 30 -11.65 -12.81 -16.47
CA GLY D 30 -12.35 -12.74 -17.74
C GLY D 30 -13.04 -14.08 -17.99
N GLY D 31 -13.72 -14.16 -19.12
CA GLY D 31 -14.43 -15.37 -19.51
C GLY D 31 -14.91 -15.25 -20.95
N SER D 32 -15.57 -16.29 -21.44
CA SER D 32 -16.11 -16.27 -22.81
C SER D 32 -17.43 -17.03 -22.84
N LEU D 33 -18.42 -16.44 -23.51
CA LEU D 33 -19.72 -17.07 -23.65
C LEU D 33 -19.57 -18.11 -24.79
N ILE D 34 -19.65 -19.39 -24.45
CA ILE D 34 -19.49 -20.44 -25.45
C ILE D 34 -20.81 -21.13 -25.77
N HIS D 35 -21.85 -20.67 -25.09
CA HIS D 35 -23.18 -21.20 -25.26
C HIS D 35 -24.09 -20.18 -24.60
N PRO D 36 -25.31 -20.00 -25.11
CA PRO D 36 -26.27 -19.04 -24.55
C PRO D 36 -26.34 -19.05 -23.03
N GLN D 37 -26.09 -20.20 -22.42
CA GLN D 37 -26.19 -20.28 -20.97
C GLN D 37 -24.89 -20.73 -20.29
N TRP D 38 -23.79 -20.74 -21.03
CA TRP D 38 -22.52 -21.17 -20.45
C TRP D 38 -21.30 -20.32 -20.71
N VAL D 39 -20.59 -20.03 -19.62
CA VAL D 39 -19.36 -19.26 -19.69
C VAL D 39 -18.16 -20.15 -19.40
N LEU D 40 -17.17 -20.09 -20.27
CA LEU D 40 -15.94 -20.85 -20.11
C LEU D 40 -14.92 -19.90 -19.46
N THR D 41 -14.19 -20.37 -18.46
CA THR D 41 -13.20 -19.54 -17.78
C THR D 41 -12.09 -20.40 -17.19
N ALA D 42 -11.13 -19.76 -16.53
CA ALA D 42 -10.03 -20.49 -15.92
C ALA D 42 -10.39 -20.98 -14.50
N ALA D 43 -10.08 -22.23 -14.21
CA ALA D 43 -10.39 -22.79 -12.90
C ALA D 43 -9.76 -22.03 -11.74
N HIS D 44 -8.54 -21.54 -11.91
CA HIS D 44 -7.91 -20.81 -10.81
C HIS D 44 -8.64 -19.51 -10.47
N CYS D 45 -9.54 -19.07 -11.35
CA CYS D 45 -10.30 -17.86 -11.12
C CYS D 45 -11.38 -18.11 -10.06
N VAL D 46 -11.85 -19.36 -9.98
CA VAL D 46 -12.91 -19.71 -9.01
C VAL D 46 -12.60 -20.94 -8.14
N GLY D 47 -11.33 -21.30 -8.03
CA GLY D 47 -10.97 -22.45 -7.23
C GLY D 47 -9.50 -22.40 -6.90
N PRO D 48 -8.92 -23.48 -6.37
CA PRO D 48 -9.55 -24.77 -6.05
C PRO D 48 -10.57 -24.81 -4.93
N ASP D 49 -10.50 -23.89 -3.96
CA ASP D 49 -11.45 -23.92 -2.86
C ASP D 49 -12.84 -23.52 -3.28
N VAL D 50 -13.84 -24.17 -2.70
CA VAL D 50 -15.23 -23.92 -3.04
C VAL D 50 -15.65 -22.48 -2.76
N LYS D 51 -16.41 -21.89 -3.68
CA LYS D 51 -16.86 -20.51 -3.54
C LYS D 51 -18.36 -20.43 -3.29
N ASP D 52 -18.82 -19.27 -2.87
CA ASP D 52 -20.24 -19.06 -2.62
C ASP D 52 -20.83 -18.42 -3.87
N LEU D 53 -21.81 -19.09 -4.48
CA LEU D 53 -22.42 -18.57 -5.69
C LEU D 53 -23.05 -17.19 -5.48
N ALA D 54 -23.63 -16.97 -4.31
CA ALA D 54 -24.27 -15.69 -4.00
C ALA D 54 -23.36 -14.52 -4.30
N ALA D 55 -22.06 -14.72 -4.05
CA ALA D 55 -21.05 -13.68 -4.26
C ALA D 55 -20.51 -13.54 -5.68
N LEU D 56 -21.08 -14.26 -6.64
CA LEU D 56 -20.61 -14.19 -8.02
C LEU D 56 -21.67 -13.71 -9.01
N ARG D 57 -21.22 -12.90 -9.97
CA ARG D 57 -22.08 -12.38 -11.02
C ARG D 57 -21.30 -12.35 -12.31
N VAL D 58 -22.02 -12.37 -13.42
CA VAL D 58 -21.41 -12.34 -14.74
C VAL D 58 -21.89 -11.13 -15.51
N GLN D 59 -20.95 -10.47 -16.18
CA GLN D 59 -21.23 -9.28 -16.97
C GLN D 59 -20.83 -9.59 -18.41
N LEU D 60 -21.77 -9.37 -19.33
CA LEU D 60 -21.52 -9.64 -20.73
C LEU D 60 -20.80 -8.48 -21.41
N ARG D 61 -20.48 -8.64 -22.70
CA ARG D 61 -19.78 -7.63 -23.49
C ARG D 61 -20.03 -6.20 -23.02
N GLU D 62 -18.95 -5.52 -22.63
CA GLU D 62 -19.02 -4.13 -22.15
C GLU D 62 -17.83 -3.34 -22.69
N GLN D 63 -18.09 -2.19 -23.31
CA GLN D 63 -17.00 -1.36 -23.84
C GLN D 63 -16.09 -0.85 -22.72
N HIS D 64 -16.71 -0.38 -21.64
CA HIS D 64 -15.98 0.11 -20.49
C HIS D 64 -16.57 -0.54 -19.23
N LEU D 65 -15.73 -1.27 -18.50
CA LEU D 65 -16.18 -1.94 -17.28
C LEU D 65 -16.86 -0.99 -16.29
N TYR D 66 -17.88 -1.53 -15.64
CA TYR D 66 -18.64 -0.84 -14.60
C TYR D 66 -19.61 0.22 -15.10
N TYR D 67 -19.48 0.60 -16.36
CA TYR D 67 -20.35 1.63 -16.93
C TYR D 67 -21.80 1.19 -17.13
N GLN D 68 -22.01 0.22 -18.02
CA GLN D 68 -23.37 -0.23 -18.31
C GLN D 68 -23.67 -1.61 -17.73
N ASP D 69 -23.35 -1.79 -16.44
CA ASP D 69 -23.55 -3.06 -15.75
C ASP D 69 -24.96 -3.62 -15.74
N GLN D 70 -25.06 -4.92 -16.04
CA GLN D 70 -26.30 -5.68 -16.02
C GLN D 70 -25.82 -7.07 -15.60
N LEU D 71 -25.55 -7.18 -14.31
CA LEU D 71 -25.05 -8.40 -13.71
C LEU D 71 -26.02 -9.57 -13.75
N LEU D 72 -25.49 -10.71 -14.17
CA LEU D 72 -26.24 -11.94 -14.29
C LEU D 72 -25.82 -12.92 -13.19
N PRO D 73 -26.79 -13.54 -12.53
CA PRO D 73 -26.46 -14.49 -11.46
C PRO D 73 -25.98 -15.83 -12.05
N VAL D 74 -25.20 -16.58 -11.28
CA VAL D 74 -24.70 -17.87 -11.74
C VAL D 74 -25.41 -19.00 -11.00
N SER D 75 -25.76 -20.07 -11.71
CA SER D 75 -26.43 -21.21 -11.08
C SER D 75 -25.48 -22.31 -10.56
N ARG D 76 -24.35 -22.51 -11.22
CA ARG D 76 -23.41 -23.51 -10.78
C ARG D 76 -22.01 -23.20 -11.34
N ILE D 77 -21.00 -23.58 -10.55
CA ILE D 77 -19.59 -23.40 -10.89
C ILE D 77 -19.05 -24.83 -11.01
N ILE D 78 -18.61 -25.19 -12.21
CA ILE D 78 -18.05 -26.51 -12.45
C ILE D 78 -16.56 -26.35 -12.70
N VAL D 79 -15.77 -26.81 -11.73
CA VAL D 79 -14.31 -26.71 -11.83
C VAL D 79 -13.74 -28.10 -12.11
N HIS D 80 -13.00 -28.22 -13.21
CA HIS D 80 -12.38 -29.50 -13.57
C HIS D 80 -11.75 -30.15 -12.33
N PRO D 81 -12.20 -31.37 -11.98
CA PRO D 81 -11.72 -32.14 -10.83
C PRO D 81 -10.22 -32.37 -10.73
N GLN D 82 -9.52 -32.27 -11.85
CA GLN D 82 -8.08 -32.50 -11.82
C GLN D 82 -7.27 -31.23 -11.52
N PHE D 83 -7.96 -30.10 -11.41
CA PHE D 83 -7.30 -28.84 -11.14
C PHE D 83 -6.92 -28.58 -9.68
N TYR D 84 -5.70 -28.07 -9.49
CA TYR D 84 -5.26 -27.68 -8.18
C TYR D 84 -4.54 -26.34 -8.35
N THR D 85 -3.61 -26.25 -9.30
CA THR D 85 -2.92 -24.98 -9.55
C THR D 85 -2.67 -24.84 -11.04
N ALA D 86 -2.55 -23.60 -11.50
CA ALA D 86 -2.33 -23.34 -12.92
C ALA D 86 -1.10 -24.03 -13.50
N GLN D 87 0.00 -24.05 -12.76
CA GLN D 87 1.23 -24.67 -13.27
C GLN D 87 1.07 -26.17 -13.47
N ILE D 88 0.26 -26.80 -12.64
CA ILE D 88 0.06 -28.23 -12.77
C ILE D 88 -0.82 -28.47 -13.99
N GLY D 89 -1.94 -27.76 -14.08
CA GLY D 89 -2.79 -27.95 -15.25
C GLY D 89 -4.29 -28.03 -15.04
N ALA D 90 -5.00 -28.41 -16.09
CA ALA D 90 -6.45 -28.51 -16.06
C ALA D 90 -7.08 -27.21 -15.52
N ASP D 91 -6.51 -26.06 -15.93
CA ASP D 91 -6.99 -24.76 -15.47
C ASP D 91 -8.17 -24.35 -16.37
N ILE D 92 -9.32 -24.95 -16.10
CA ILE D 92 -10.51 -24.68 -16.88
C ILE D 92 -11.74 -24.88 -16.02
N ALA D 93 -12.76 -24.06 -16.25
CA ALA D 93 -13.98 -24.16 -15.47
C ALA D 93 -15.16 -23.67 -16.29
N LEU D 94 -16.35 -24.02 -15.81
CA LEU D 94 -17.57 -23.62 -16.48
C LEU D 94 -18.47 -22.88 -15.54
N LEU D 95 -19.19 -21.91 -16.06
CA LEU D 95 -20.15 -21.16 -15.26
C LEU D 95 -21.50 -21.30 -15.95
N GLU D 96 -22.46 -21.92 -15.27
CA GLU D 96 -23.79 -22.06 -15.85
C GLU D 96 -24.63 -20.90 -15.39
N LEU D 97 -25.04 -20.05 -16.33
CA LEU D 97 -25.87 -18.89 -16.02
C LEU D 97 -27.26 -19.37 -15.59
N GLU D 98 -27.96 -18.55 -14.83
CA GLU D 98 -29.30 -18.92 -14.38
C GLU D 98 -30.34 -18.83 -15.49
N GLU D 99 -29.98 -18.14 -16.56
CA GLU D 99 -30.90 -17.97 -17.68
C GLU D 99 -30.10 -17.88 -18.96
N PRO D 100 -30.68 -18.34 -20.07
CA PRO D 100 -29.92 -18.25 -21.33
C PRO D 100 -29.93 -16.78 -21.72
N VAL D 101 -28.94 -16.35 -22.47
CA VAL D 101 -28.91 -14.96 -22.90
C VAL D 101 -29.45 -14.87 -24.32
N LYS D 102 -30.16 -13.79 -24.62
CA LYS D 102 -30.74 -13.57 -25.94
C LYS D 102 -29.63 -13.04 -26.85
N VAL D 103 -28.88 -13.95 -27.46
CA VAL D 103 -27.79 -13.55 -28.33
C VAL D 103 -28.19 -12.52 -29.38
N SER D 104 -27.26 -11.66 -29.73
CA SER D 104 -27.51 -10.62 -30.72
C SER D 104 -26.23 -10.43 -31.53
N SER D 105 -26.29 -9.57 -32.53
CA SER D 105 -25.13 -9.29 -33.35
C SER D 105 -24.02 -8.72 -32.47
N HIS D 106 -24.41 -8.01 -31.42
CA HIS D 106 -23.45 -7.39 -30.51
C HIS D 106 -22.99 -8.27 -29.35
N VAL D 107 -23.80 -9.25 -28.98
CA VAL D 107 -23.44 -10.16 -27.88
C VAL D 107 -23.85 -11.59 -28.20
N HIS D 108 -22.87 -12.43 -28.51
CA HIS D 108 -23.14 -13.83 -28.82
C HIS D 108 -21.94 -14.76 -28.52
N THR D 109 -22.19 -16.06 -28.63
CA THR D 109 -21.19 -17.07 -28.34
C THR D 109 -20.01 -17.14 -29.32
N VAL D 110 -18.93 -17.75 -28.84
CA VAL D 110 -17.75 -17.95 -29.67
C VAL D 110 -17.77 -19.44 -29.99
N THR D 111 -17.16 -19.81 -31.11
CA THR D 111 -17.15 -21.21 -31.50
C THR D 111 -15.97 -22.00 -30.96
N LEU D 112 -16.25 -23.18 -30.41
CA LEU D 112 -15.18 -24.03 -29.88
C LEU D 112 -14.49 -24.72 -31.05
N PRO D 113 -13.17 -24.97 -30.92
CA PRO D 113 -12.47 -25.63 -32.02
C PRO D 113 -12.80 -27.10 -32.08
N PRO D 114 -12.71 -27.70 -33.27
CA PRO D 114 -13.00 -29.13 -33.41
C PRO D 114 -11.84 -29.89 -32.76
N ALA D 115 -12.12 -31.09 -32.26
CA ALA D 115 -11.10 -31.91 -31.60
C ALA D 115 -9.83 -32.10 -32.43
N SER D 116 -9.93 -32.01 -33.74
CA SER D 116 -8.75 -32.21 -34.58
C SER D 116 -7.98 -30.92 -34.85
N GLU D 117 -8.65 -29.78 -34.71
CA GLU D 117 -8.01 -28.50 -34.98
C GLU D 117 -6.70 -28.34 -34.22
N THR D 118 -5.66 -27.94 -34.94
CA THR D 118 -4.33 -27.74 -34.34
C THR D 118 -3.82 -26.40 -34.81
N PHE D 119 -4.06 -25.37 -34.01
CA PHE D 119 -3.63 -24.02 -34.33
C PHE D 119 -2.12 -24.02 -34.55
N PRO D 120 -1.69 -23.98 -35.81
CA PRO D 120 -0.27 -23.98 -36.18
C PRO D 120 0.54 -22.84 -35.57
N PRO D 121 1.75 -23.15 -35.08
CA PRO D 121 2.61 -22.13 -34.48
C PRO D 121 2.90 -20.95 -35.41
N GLY D 122 2.34 -19.80 -35.07
CA GLY D 122 2.50 -18.60 -35.87
C GLY D 122 1.14 -17.99 -36.18
N MET D 123 0.10 -18.83 -36.06
CA MET D 123 -1.29 -18.47 -36.31
C MET D 123 -1.65 -17.07 -35.78
N PRO D 124 -2.42 -16.31 -36.57
CA PRO D 124 -2.80 -14.97 -36.10
C PRO D 124 -3.90 -15.16 -35.07
N CYS D 125 -3.60 -14.86 -33.81
CA CYS D 125 -4.62 -14.99 -32.77
C CYS D 125 -4.73 -13.73 -31.93
N TRP D 126 -5.88 -13.57 -31.28
CA TRP D 126 -6.15 -12.40 -30.45
C TRP D 126 -6.63 -12.79 -29.07
N VAL D 127 -6.16 -12.05 -28.07
CA VAL D 127 -6.59 -12.27 -26.70
C VAL D 127 -7.19 -10.94 -26.25
N THR D 128 -8.20 -10.99 -25.40
CA THR D 128 -8.84 -9.76 -24.97
C THR D 128 -9.15 -9.69 -23.48
N GLY D 129 -9.31 -8.48 -22.97
CA GLY D 129 -9.62 -8.36 -21.56
C GLY D 129 -9.37 -7.01 -20.97
N TRP D 130 -9.65 -6.89 -19.67
CA TRP D 130 -9.49 -5.65 -18.93
C TRP D 130 -8.35 -5.77 -17.93
N GLY D 131 -7.46 -6.71 -18.17
CA GLY D 131 -6.32 -6.91 -17.29
C GLY D 131 -5.29 -5.80 -17.36
N ASP D 132 -4.28 -5.87 -16.50
CA ASP D 132 -3.23 -4.86 -16.45
C ASP D 132 -2.61 -4.56 -17.82
N VAL D 133 -2.26 -3.30 -18.06
CA VAL D 133 -1.65 -2.93 -19.33
C VAL D 133 -0.15 -3.20 -19.27
N ASP D 134 0.29 -3.64 -18.10
CA ASP D 134 1.70 -3.97 -17.90
C ASP D 134 1.90 -4.51 -16.49
N ASN D 135 3.09 -5.07 -16.26
CA ASN D 135 3.41 -5.63 -14.95
C ASN D 135 3.16 -4.63 -13.83
N ASP D 136 2.25 -5.00 -12.94
CA ASP D 136 1.88 -4.19 -11.79
C ASP D 136 1.17 -2.87 -12.08
N GLU D 137 0.79 -2.62 -13.34
CA GLU D 137 0.08 -1.37 -13.62
C GLU D 137 -1.30 -1.62 -14.24
N ARG D 138 -2.33 -1.27 -13.47
CA ARG D 138 -3.72 -1.47 -13.88
C ARG D 138 -4.19 -0.76 -15.13
N LEU D 139 -5.34 -1.20 -15.61
CA LEU D 139 -5.97 -0.60 -16.78
C LEU D 139 -6.58 0.67 -16.19
N PRO D 140 -6.30 1.83 -16.77
CA PRO D 140 -6.88 3.04 -16.21
C PRO D 140 -8.36 3.21 -16.55
N PRO D 141 -9.06 4.07 -15.81
CA PRO D 141 -10.48 4.33 -16.08
C PRO D 141 -10.46 5.04 -17.44
N PRO D 142 -11.54 4.94 -18.23
CA PRO D 142 -12.79 4.22 -18.00
C PRO D 142 -12.79 2.72 -18.23
N PHE D 143 -11.63 2.08 -18.10
CA PHE D 143 -11.55 0.62 -18.23
C PHE D 143 -12.10 0.06 -19.54
N PRO D 144 -11.45 0.39 -20.67
CA PRO D 144 -11.94 -0.11 -21.96
C PRO D 144 -11.45 -1.52 -22.25
N LEU D 145 -12.30 -2.33 -22.87
CA LEU D 145 -11.91 -3.69 -23.22
C LEU D 145 -10.74 -3.60 -24.22
N LYS D 146 -9.61 -4.22 -23.89
CA LYS D 146 -8.46 -4.17 -24.79
C LYS D 146 -8.28 -5.47 -25.58
N GLN D 147 -7.46 -5.39 -26.61
CA GLN D 147 -7.19 -6.51 -27.50
C GLN D 147 -5.75 -6.42 -27.96
N VAL D 148 -5.19 -7.55 -28.34
CA VAL D 148 -3.84 -7.59 -28.85
C VAL D 148 -3.60 -8.86 -29.67
N LYS D 149 -2.98 -8.67 -30.84
CA LYS D 149 -2.68 -9.80 -31.69
C LYS D 149 -1.41 -10.44 -31.16
N VAL D 150 -1.49 -11.74 -30.85
CA VAL D 150 -0.34 -12.46 -30.33
C VAL D 150 -0.03 -13.69 -31.17
N PRO D 151 1.26 -13.96 -31.38
CA PRO D 151 1.61 -15.13 -32.18
C PRO D 151 1.66 -16.39 -31.32
N ILE D 152 0.98 -17.44 -31.78
CA ILE D 152 0.98 -18.72 -31.09
C ILE D 152 2.35 -19.35 -31.31
N MET D 153 2.86 -20.05 -30.30
CA MET D 153 4.15 -20.70 -30.44
C MET D 153 4.05 -22.19 -30.05
N GLU D 154 4.93 -23.01 -30.63
CA GLU D 154 4.92 -24.44 -30.35
C GLU D 154 5.21 -24.77 -28.88
N ASN D 155 4.42 -25.67 -28.30
CA ASN D 155 4.61 -26.05 -26.91
C ASN D 155 6.05 -26.34 -26.52
N HIS D 156 6.73 -27.11 -27.37
CA HIS D 156 8.10 -27.46 -27.08
C HIS D 156 9.01 -26.22 -27.05
N ILE D 157 8.88 -25.36 -28.06
CA ILE D 157 9.68 -24.16 -28.14
C ILE D 157 9.40 -23.29 -26.91
N CYS D 158 8.17 -23.32 -26.42
CA CYS D 158 7.83 -22.53 -25.24
C CYS D 158 8.42 -23.11 -23.98
N ASP D 159 8.28 -24.42 -23.83
CA ASP D 159 8.81 -25.13 -22.68
C ASP D 159 10.29 -24.81 -22.61
N ALA D 160 10.95 -24.85 -23.77
CA ALA D 160 12.36 -24.56 -23.86
C ALA D 160 12.66 -23.13 -23.38
N LYS D 161 11.82 -22.18 -23.80
CA LYS D 161 12.01 -20.78 -23.39
C LYS D 161 11.99 -20.67 -21.86
N TYR D 162 10.93 -21.18 -21.25
CA TYR D 162 10.80 -21.13 -19.81
C TYR D 162 11.97 -21.73 -19.03
N HIS D 163 12.74 -22.61 -19.69
CA HIS D 163 13.90 -23.22 -19.03
C HIS D 163 15.11 -22.29 -19.12
N LEU D 164 15.07 -21.35 -20.06
CA LEU D 164 16.18 -20.42 -20.21
C LEU D 164 16.20 -19.45 -19.05
N GLY D 165 17.33 -19.40 -18.34
CA GLY D 165 17.45 -18.51 -17.21
C GLY D 165 16.79 -19.12 -15.99
N ALA D 166 16.65 -20.44 -16.01
CA ALA D 166 16.03 -21.17 -14.90
C ALA D 166 16.86 -22.38 -14.50
N TYR D 167 16.65 -22.85 -13.27
CA TYR D 167 17.36 -24.00 -12.73
C TYR D 167 16.68 -25.29 -13.12
N THR D 168 15.41 -25.21 -13.52
CA THR D 168 14.65 -26.41 -13.90
C THR D 168 15.34 -27.25 -14.94
N GLY D 169 15.44 -28.55 -14.67
CA GLY D 169 16.07 -29.46 -15.62
C GLY D 169 15.36 -29.43 -16.97
N ASP D 170 16.14 -29.43 -18.04
CA ASP D 170 15.60 -29.39 -19.40
C ASP D 170 14.55 -30.45 -19.73
N ASP D 171 14.67 -31.63 -19.13
CA ASP D 171 13.69 -32.69 -19.40
C ASP D 171 12.48 -32.65 -18.47
N VAL D 172 12.43 -31.65 -17.61
CA VAL D 172 11.33 -31.46 -16.67
C VAL D 172 10.37 -30.46 -17.31
N ARG D 173 9.16 -30.90 -17.63
CA ARG D 173 8.16 -30.06 -18.30
C ARG D 173 7.58 -28.91 -17.48
N ILE D 174 7.65 -27.71 -18.04
CA ILE D 174 7.09 -26.53 -17.39
C ILE D 174 5.78 -26.24 -18.12
N VAL D 175 5.85 -26.17 -19.44
CA VAL D 175 4.67 -25.94 -20.24
C VAL D 175 4.24 -27.34 -20.60
N ARG D 176 3.14 -27.78 -20.00
CA ARG D 176 2.65 -29.13 -20.21
C ARG D 176 1.76 -29.26 -21.43
N ASP D 177 1.45 -30.50 -21.79
CA ASP D 177 0.64 -30.80 -22.96
C ASP D 177 -0.80 -30.27 -23.00
N ASP D 178 -1.42 -30.04 -21.85
CA ASP D 178 -2.78 -29.51 -21.86
C ASP D 178 -2.74 -27.99 -21.90
N MET D 179 -1.57 -27.44 -22.18
CA MET D 179 -1.40 -25.99 -22.25
C MET D 179 -0.97 -25.51 -23.63
N LEU D 180 -1.12 -24.21 -23.87
CA LEU D 180 -0.71 -23.61 -25.13
C LEU D 180 -0.16 -22.23 -24.76
N CYS D 181 0.80 -21.73 -25.54
CA CYS D 181 1.39 -20.45 -25.22
C CYS D 181 1.39 -19.48 -26.40
N ALA D 182 1.34 -18.19 -26.10
CA ALA D 182 1.33 -17.16 -27.15
C ALA D 182 1.82 -15.82 -26.63
N GLY D 183 2.39 -15.02 -27.53
CA GLY D 183 2.86 -13.69 -27.14
C GLY D 183 4.35 -13.50 -27.11
N ASN D 184 4.76 -12.24 -27.01
CA ASN D 184 6.17 -11.89 -26.95
C ASN D 184 6.41 -10.76 -25.94
N THR D 185 7.60 -10.18 -25.96
CA THR D 185 7.98 -9.11 -25.03
C THR D 185 7.21 -7.80 -25.24
N ARG D 186 6.34 -7.76 -26.24
CA ARG D 186 5.56 -6.56 -26.48
C ARG D 186 4.07 -6.83 -26.48
N ARG D 187 3.68 -8.08 -26.65
CA ARG D 187 2.27 -8.46 -26.67
C ARG D 187 2.00 -9.66 -25.78
N ASP D 188 1.06 -9.50 -24.85
CA ASP D 188 0.73 -10.56 -23.92
C ASP D 188 -0.52 -10.19 -23.15
N SER D 189 -1.02 -11.14 -22.37
CA SER D 189 -2.19 -10.94 -21.53
C SER D 189 -1.58 -10.71 -20.15
N CYS D 190 -2.31 -10.10 -19.23
CA CYS D 190 -1.73 -9.84 -17.91
C CYS D 190 -2.71 -10.09 -16.77
N GLN D 191 -2.31 -9.79 -15.53
CA GLN D 191 -3.19 -9.98 -14.38
C GLN D 191 -4.49 -9.22 -14.63
N GLY D 192 -5.60 -9.94 -14.60
CA GLY D 192 -6.90 -9.35 -14.84
C GLY D 192 -7.55 -9.98 -16.05
N ASP D 193 -6.73 -10.58 -16.91
CA ASP D 193 -7.20 -11.22 -18.14
C ASP D 193 -7.52 -12.69 -17.98
N SER D 194 -7.01 -13.28 -16.90
CA SER D 194 -7.23 -14.69 -16.60
C SER D 194 -8.66 -15.19 -16.88
N GLY D 195 -8.76 -16.38 -17.44
CA GLY D 195 -10.05 -16.96 -17.73
C GLY D 195 -10.60 -16.41 -19.02
N GLY D 196 -9.92 -15.40 -19.56
CA GLY D 196 -10.33 -14.77 -20.80
C GLY D 196 -10.03 -15.61 -22.01
N PRO D 197 -10.52 -15.21 -23.19
CA PRO D 197 -10.32 -15.93 -24.45
C PRO D 197 -9.16 -15.58 -25.36
N LEU D 198 -8.61 -16.61 -25.97
CA LEU D 198 -7.52 -16.51 -26.94
C LEU D 198 -8.19 -17.11 -28.17
N VAL D 199 -8.62 -16.23 -29.08
CA VAL D 199 -9.32 -16.66 -30.28
C VAL D 199 -8.51 -16.51 -31.58
N CYS D 200 -8.70 -17.45 -32.49
CA CYS D 200 -7.98 -17.39 -33.77
C CYS D 200 -8.98 -17.53 -34.91
N LYS D 201 -8.77 -16.77 -35.97
CA LYS D 201 -9.66 -16.84 -37.12
C LYS D 201 -9.06 -17.86 -38.07
N VAL D 202 -9.74 -18.99 -38.23
CA VAL D 202 -9.28 -20.06 -39.11
C VAL D 202 -10.34 -20.46 -40.12
N ASN D 203 -9.98 -20.41 -41.40
CA ASN D 203 -10.91 -20.76 -42.45
C ASN D 203 -12.10 -19.80 -42.32
N GLY D 204 -11.79 -18.53 -42.13
CA GLY D 204 -12.81 -17.50 -41.99
C GLY D 204 -13.79 -17.67 -40.84
N THR D 205 -13.31 -18.16 -39.69
CA THR D 205 -14.18 -18.34 -38.53
C THR D 205 -13.40 -18.31 -37.21
N TRP D 206 -13.91 -17.55 -36.24
CA TRP D 206 -13.26 -17.42 -34.93
C TRP D 206 -13.48 -18.62 -34.01
N LEU D 207 -12.36 -19.22 -33.62
CA LEU D 207 -12.38 -20.39 -32.74
C LEU D 207 -11.57 -20.06 -31.48
N GLN D 208 -12.08 -20.44 -30.32
CA GLN D 208 -11.34 -20.19 -29.10
C GLN D 208 -10.30 -21.28 -28.89
N ALA D 209 -9.04 -20.93 -29.07
CA ALA D 209 -7.94 -21.87 -28.92
C ALA D 209 -7.51 -22.06 -27.46
N GLY D 210 -7.69 -21.01 -26.64
CA GLY D 210 -7.28 -21.14 -25.26
C GLY D 210 -7.92 -20.21 -24.24
N VAL D 211 -7.57 -20.46 -22.98
CA VAL D 211 -8.06 -19.66 -21.88
C VAL D 211 -6.82 -19.10 -21.17
N VAL D 212 -6.80 -17.79 -20.97
CA VAL D 212 -5.67 -17.14 -20.30
C VAL D 212 -5.50 -17.87 -18.96
N SER D 213 -4.33 -18.47 -18.76
CA SER D 213 -4.04 -19.23 -17.55
C SER D 213 -3.01 -18.59 -16.62
N TRP D 214 -1.73 -18.64 -17.04
CA TRP D 214 -0.65 -18.08 -16.22
C TRP D 214 0.54 -17.71 -17.08
N GLY D 215 1.62 -17.30 -16.43
CA GLY D 215 2.83 -16.92 -17.14
C GLY D 215 3.74 -16.19 -16.16
N GLU D 216 5.04 -16.16 -16.42
CA GLU D 216 5.93 -15.44 -15.50
C GLU D 216 5.89 -13.96 -15.89
N GLY D 217 5.15 -13.17 -15.11
CA GLY D 217 5.03 -11.76 -15.42
C GLY D 217 4.24 -11.60 -16.70
N CYS D 218 4.37 -10.45 -17.35
CA CYS D 218 3.66 -10.19 -18.61
C CYS D 218 4.65 -9.63 -19.61
N ALA D 219 4.66 -10.20 -20.81
CA ALA D 219 5.57 -9.78 -21.87
C ALA D 219 7.03 -9.79 -21.44
N GLN D 220 7.39 -10.75 -20.58
CA GLN D 220 8.76 -10.86 -20.11
C GLN D 220 9.57 -11.72 -21.09
N PRO D 221 10.87 -11.43 -21.23
CA PRO D 221 11.79 -12.14 -22.10
C PRO D 221 11.79 -13.65 -21.87
N ASN D 222 11.58 -14.42 -22.93
CA ASN D 222 11.57 -15.88 -22.82
C ASN D 222 10.54 -16.34 -21.81
N ARG D 223 9.44 -15.60 -21.70
CA ARG D 223 8.38 -15.97 -20.78
C ARG D 223 7.02 -15.64 -21.41
N PRO D 224 6.67 -16.35 -22.49
CA PRO D 224 5.38 -16.11 -23.16
C PRO D 224 4.18 -16.56 -22.34
N GLY D 225 3.03 -15.96 -22.61
CA GLY D 225 1.83 -16.30 -21.89
C GLY D 225 1.42 -17.75 -22.07
N ILE D 226 0.98 -18.38 -20.98
CA ILE D 226 0.53 -19.76 -21.03
C ILE D 226 -0.99 -19.79 -20.97
N TYR D 227 -1.61 -20.60 -21.83
CA TYR D 227 -3.07 -20.72 -21.86
C TYR D 227 -3.50 -22.18 -21.77
N THR D 228 -4.68 -22.42 -21.22
CA THR D 228 -5.19 -23.78 -21.14
C THR D 228 -5.64 -24.11 -22.55
N ARG D 229 -5.04 -25.13 -23.15
CA ARG D 229 -5.41 -25.56 -24.50
C ARG D 229 -6.87 -26.09 -24.48
N VAL D 230 -7.76 -25.44 -25.22
CA VAL D 230 -9.17 -25.85 -25.23
C VAL D 230 -9.44 -27.22 -25.86
N THR D 231 -8.88 -27.48 -27.04
CA THR D 231 -9.08 -28.77 -27.71
C THR D 231 -8.85 -29.93 -26.73
N TYR D 232 -7.89 -29.76 -25.84
CA TYR D 232 -7.57 -30.79 -24.88
C TYR D 232 -8.71 -31.16 -23.93
N TYR D 233 -9.57 -30.20 -23.60
CA TYR D 233 -10.66 -30.47 -22.67
C TYR D 233 -12.03 -30.41 -23.33
N LEU D 234 -12.07 -30.58 -24.64
CA LEU D 234 -13.33 -30.55 -25.39
C LEU D 234 -14.36 -31.54 -24.84
N ASP D 235 -13.92 -32.78 -24.61
CA ASP D 235 -14.83 -33.81 -24.09
C ASP D 235 -15.39 -33.46 -22.72
N TRP D 236 -14.57 -32.86 -21.87
CA TRP D 236 -15.00 -32.49 -20.53
C TRP D 236 -16.03 -31.38 -20.61
N ILE D 237 -15.80 -30.44 -21.51
CA ILE D 237 -16.70 -29.31 -21.74
C ILE D 237 -18.05 -29.83 -22.24
N HIS D 238 -18.01 -30.66 -23.28
CA HIS D 238 -19.22 -31.21 -23.87
C HIS D 238 -19.98 -32.15 -22.96
N HIS D 239 -19.38 -32.51 -21.83
CA HIS D 239 -20.06 -33.39 -20.89
C HIS D 239 -21.19 -32.56 -20.24
N TYR D 240 -21.03 -31.25 -20.30
CA TYR D 240 -21.98 -30.31 -19.70
C TYR D 240 -22.63 -29.38 -20.70
N VAL D 241 -21.83 -28.88 -21.65
CA VAL D 241 -22.32 -27.94 -22.66
C VAL D 241 -22.80 -28.61 -23.95
N PRO D 242 -24.09 -28.44 -24.29
CA PRO D 242 -24.74 -28.99 -25.48
C PRO D 242 -24.09 -28.61 -26.81
N LYS D 243 -24.88 -28.64 -27.87
CA LYS D 243 -24.39 -28.30 -29.20
C LYS D 243 -25.40 -27.46 -29.98
C1 5AM E . 4.23 -20.08 -1.99
C3 5AM E . 5.07 -19.40 0.33
C7 5AM E . 7.79 -17.67 1.61
C8 5AM E . 4.76 -18.97 -2.86
C9 5AM E . 5.89 -19.20 -3.76
C10 5AM E . 6.40 -18.12 -4.59
C11 5AM E . 5.79 -16.81 -4.53
C12 5AM E . 4.68 -16.57 -3.65
C13 5AM E . 4.17 -17.63 -2.81
C15 5AM E . 6.05 -20.41 3.79
C16 5AM E . 4.64 -21.04 3.90
C22 5AM E . 8.09 -16.65 -0.30
N23 5AM E . 8.08 -17.91 0.27
N26 5AM E . 9.70 -16.00 -2.15
C27 5AM E . 9.70 -15.90 -3.66
N29 5AM E . 11.67 -14.39 -3.52
C30 5AM E . 11.65 -14.38 -2.01
C31 5AM E . 10.19 -14.68 -1.53
C32 5AM E . 12.17 -13.27 -4.31
C33 5AM E . 13.37 -12.45 -4.02
C35 5AM E . 14.64 -13.27 -4.33
O2 5AM E . 4.92 -20.19 -0.73
N4 5AM E . 5.87 -19.97 1.40
C5 5AM E . 6.17 -19.33 2.67
O14 5AM E . 4.59 -18.26 0.45
C17 5AM E . 4.33 -21.60 5.30
C18 5AM E . 2.94 -22.23 5.38
N19 5AM E . 2.82 -22.99 6.62
N20 5AM E . 7.66 -16.34 1.78
O21 5AM E . 7.85 -15.72 0.65
O24 5AM E . 8.02 -18.19 3.91
C25 5AM E . 8.34 -16.39 -1.73
C28 5AM E . 11.16 -15.65 -4.17
O34 5AM E . 11.60 -12.92 -5.37
C36 5AM E . 15.85 -12.81 -3.51
C37 5AM E . 17.13 -13.28 -4.08
C38 5AM E . 17.54 -14.65 -3.91
C39 5AM E . 17.98 -12.38 -4.81
C40 5AM E . 18.78 -15.11 -4.46
C41 5AM E . 19.22 -12.84 -5.36
C42 5AM E . 19.62 -14.20 -5.17
C6 5AM E . 7.63 -18.72 2.62
C1 5AM F . 3.33 18.55 9.81
C3 5AM F . 5.36 17.02 10.17
C7 5AM F . 6.17 14.23 12.02
C8 5AM F . 2.22 17.58 10.09
C9 5AM F . 1.42 17.69 11.30
C10 5AM F . 0.33 16.75 11.57
C11 5AM F . 0.05 15.70 10.61
C12 5AM F . 0.82 15.56 9.42
C13 5AM F . 1.90 16.50 9.15
C15 5AM F . 9.02 16.67 10.88
C16 5AM F . 9.26 17.66 9.70
C22 5AM F . 4.08 13.67 12.25
N23 5AM F . 4.96 14.72 12.48
N26 5AM F . 2.18 13.13 13.83
C27 5AM F . 0.69 13.41 13.96
N29 5AM F . 0.53 11.52 15.54
C30 5AM F . 1.99 11.14 15.38
C31 5AM F . 2.47 11.64 13.97
C32 5AM F . -0.52 10.56 15.82
C33 5AM F . -0.40 9.38 16.70
C35 5AM F . -0.61 9.77 18.18
O2 5AM F . 4.59 18.09 10.37
N4 5AM F . 6.61 17.02 10.90
C5 5AM F . 7.62 15.98 10.84
O14 5AM F . 5.09 16.08 9.42
C17 5AM F . 10.76 17.96 9.45
C18 5AM F . 10.97 18.82 8.20
N19 5AM F . 12.38 19.15 8.06
N20 5AM F . 5.97 12.97 11.58
O21 5AM F . 4.72 12.62 11.72
O24 5AM F . 8.51 13.99 12.06
C25 5AM F . 2.63 13.72 12.56
C28 5AM F . 0.23 13.00 15.41
O34 5AM F . -1.66 10.69 15.34
C36 5AM F . -0.07 8.70 19.11
C37 5AM F . -0.39 8.92 20.53
C38 5AM F . 0.25 9.95 21.29
C39 5AM F . -1.37 8.09 21.19
C40 5AM F . -0.05 10.15 22.66
C41 5AM F . -1.67 8.28 22.57
C42 5AM F . -1.00 9.31 23.31
C6 5AM F . 7.45 14.96 12.03
C1 5AM G . -6.32 18.58 4.25
C3 5AM G . -8.33 17.92 2.82
C7 5AM G . -9.07 17.41 -0.48
C8 5AM G . -5.19 18.04 3.45
C9 5AM G . -4.35 18.95 2.66
C10 5AM G . -3.24 18.43 1.87
C11 5AM G . -2.96 17.00 1.87
C12 5AM G . -3.78 16.09 2.64
C13 5AM G . -4.89 16.61 3.42
C15 5AM G . -11.93 18.38 2.04
C16 5AM G . -12.32 17.87 3.46
C22 5AM G . -6.94 17.27 -0.91
N23 5AM G . -7.87 18.09 -0.32
N26 5AM G . -4.93 18.05 -2.26
C27 5AM G . -3.44 18.27 -2.03
N29 5AM G . -3.11 18.07 -4.50
C30 5AM G . -4.58 17.73 -4.72
C31 5AM G . -5.16 17.09 -3.42
C32 5AM G . -2.04 17.61 -5.39
C33 5AM G . -2.12 17.42 -6.84
C35 5AM G . -1.87 18.76 -7.59
O2 5AM G . -7.49 18.77 3.43
N4 5AM G . -9.51 18.52 2.26
C5 5AM G . -10.58 17.79 1.56
O14 5AM G . -8.15 16.71 2.69
C17 5AM G . -13.83 17.93 3.75
C18 5AM G . -14.15 17.49 5.21
N19 5AM G . -15.55 17.74 5.50
N20 5AM G . -8.81 16.26 -1.14
O21 5AM G . -7.53 16.17 -1.40
O24 5AM G . -11.42 17.10 -0.70
C25 5AM G . -5.50 17.57 -0.96
C28 5AM G . -2.83 18.96 -3.30
O34 5AM G . -0.92 17.34 -4.94
C36 5AM G . -2.56 18.75 -8.96
C37 5AM G . -2.25 19.92 -9.79
C38 5AM G . -2.77 21.23 -9.45
C39 5AM G . -1.43 19.79 -10.97
C40 5AM G . -2.47 22.37 -10.26
C41 5AM G . -1.14 20.92 -11.79
C42 5AM G . -1.66 22.21 -11.43
C6 5AM G . -10.39 17.87 -0.01
C1 5AM H . -1.67 -18.02 -12.01
C3 5AM H . -2.48 -15.82 -13.01
C7 5AM H . -5.28 -13.68 -12.64
C8 5AM H . -2.31 -18.01 -10.66
C9 5AM H . -3.32 -19.01 -10.28
C10 5AM H . -3.94 -18.99 -8.97
C11 5AM H . -3.54 -17.98 -8.01
C12 5AM H . -2.54 -17.01 -8.34
C13 5AM H . -1.93 -17.01 -9.66
C15 5AM H . -3.30 -13.81 -16.05
C16 5AM H . -1.86 -14.26 -16.52
C22 5AM H . -5.72 -14.37 -10.61
N23 5AM H . -5.56 -14.83 -11.92
N26 5AM H . -7.42 -15.35 -9.04
C27 5AM H . -7.48 -16.41 -7.95
N29 5AM H . -9.57 -15.43 -7.12
C30 5AM H . -9.53 -14.28 -8.09
C31 5AM H . -8.05 -14.04 -8.54
C32 5AM H . -10.10 -15.35 -5.78
C33 5AM H . -11.29 -14.57 -5.36
C35 5AM H . -12.56 -15.34 -5.74
O2 5AM H . -2.34 -17.13 -12.93
N4 5AM H . -3.23 -15.36 -14.16
C5 5AM H . -3.54 -13.98 -14.50
O14 5AM H . -2.01 -15.00 -12.21
C17 5AM H . -1.37 -13.54 -17.79
C18 5AM H . 0.05 -13.97 -18.19
N19 5AM H . 0.37 -13.54 -19.55
N20 5AM H . -5.28 -12.62 -11.78
O21 5AM H . -5.54 -13.03 -10.56
O24 5AM H . -5.41 -12.34 -14.56
C25 5AM H . -6.01 -15.23 -9.45
C28 5AM H . -8.98 -16.71 -7.64
O34 5AM H . -9.59 -16.00 -4.83
C36 5AM H . -13.77 -14.44 -5.95
C37 5AM H . -15.03 -15.21 -6.04
C38 5AM H . -15.35 -15.96 -7.24
C39 5AM H . -15.95 -15.23 -4.94
C40 5AM H . -16.56 -16.69 -7.34
C41 5AM H . -17.17 -15.98 -5.04
C42 5AM H . -17.48 -16.71 -6.23
C6 5AM H . -5.02 -13.65 -14.08
#